data_7SOK
#
_entry.id   7SOK
#
_cell.length_a   60.821
_cell.length_b   62.596
_cell.length_c   79.781
_cell.angle_alpha   110.070
_cell.angle_beta   103.820
_cell.angle_gamma   103.850
#
_symmetry.space_group_name_H-M   'P 1'
#
loop_
_entity.id
_entity.type
_entity.pdbx_description
1 polymer 'NNMT protein'
2 non-polymer '(2S)-2-amino-4-([3-(3-carbamoylphenyl)prop-2-yn-1-yl]{[(1R,2R,3S,4R)-4-(4-chloro-7H-pyrrolo[2,3-d]pyrimidin-7-yl)-2,3-dihydroxycyclopentyl]methyl}amino)butanoic acid'
3 non-polymer DI(HYDROXYETHYL)ETHER
4 water water
#
_entity_poly.entity_id   1
_entity_poly.type   'polypeptide(L)'
_entity_poly.pdbx_seq_one_letter_code
;MGSSHHHHHHSSGLVPRGSMESGFTSKDTYLSHFNPRDYLEKYYKFGSRHSAESQILKHLLKNLFKIFCLDGVKGDLLID
IGSGPTIYQLLSACESFKEIVVTDYSDQNLQELEKWLKAAPAAFDWSPVVTYVCDLEGNRVKGPEKEEKLRQAVKQVLKC
DVTQSQPLGAVPLPPADCVLSTLCLDAACPDLPTYCRALRNLGSLLKPGGFLVIMDALKSSYYMIGEQKFSSLPLGREAV
EAAVKEAGYTIEWFEVISQSYSSTMANNEGLFSLVARKLSRPL
;
_entity_poly.pdbx_strand_id   C,A,B,D
#
loop_
_chem_comp.id
_chem_comp.type
_chem_comp.name
_chem_comp.formula
9XL non-polymer '(2S)-2-amino-4-([3-(3-carbamoylphenyl)prop-2-yn-1-yl]{[(1R,2R,3S,4R)-4-(4-chloro-7H-pyrrolo[2,3-d]pyrimidin-7-yl)-2,3-dihydroxycyclopentyl]methyl}amino)butanoic acid' 'C26 H29 Cl N6 O5'
PEG non-polymer DI(HYDROXYETHYL)ETHER 'C4 H10 O3'
#
# COMPACT_ATOMS: atom_id res chain seq x y z
N GLY A 13 38.56 4.79 -25.03
CA GLY A 13 37.66 3.80 -24.48
C GLY A 13 37.47 2.59 -25.37
N LEU A 14 38.53 1.81 -25.53
CA LEU A 14 38.46 0.61 -26.38
C LEU A 14 37.84 -0.56 -25.63
N VAL A 15 38.16 -0.71 -24.35
CA VAL A 15 37.66 -1.81 -23.54
C VAL A 15 37.02 -1.23 -22.29
N PRO A 16 36.26 -2.01 -21.52
CA PRO A 16 35.80 -1.53 -20.21
C PRO A 16 36.97 -1.05 -19.37
N ARG A 17 36.71 -0.09 -18.50
CA ARG A 17 37.75 0.49 -17.66
C ARG A 17 38.38 -0.58 -16.78
N GLY A 18 39.71 -0.54 -16.68
CA GLY A 18 40.43 -1.46 -15.82
C GLY A 18 40.32 -2.92 -16.22
N SER A 19 39.96 -3.21 -17.46
CA SER A 19 39.76 -4.57 -17.92
C SER A 19 40.81 -5.03 -18.93
N MET A 20 41.83 -4.21 -19.21
CA MET A 20 42.76 -4.52 -20.29
C MET A 20 43.45 -5.86 -20.06
N GLU A 21 44.01 -6.06 -18.87
CA GLU A 21 44.84 -7.24 -18.64
C GLU A 21 43.99 -8.48 -18.35
N SER A 22 42.96 -8.35 -17.52
CA SER A 22 42.18 -9.50 -17.10
C SER A 22 40.96 -9.78 -17.97
N GLY A 23 40.48 -8.78 -18.72
CA GLY A 23 39.24 -8.90 -19.43
C GLY A 23 38.01 -8.54 -18.63
N PHE A 24 38.18 -7.95 -17.44
CA PHE A 24 37.08 -7.61 -16.55
C PHE A 24 37.55 -6.51 -15.64
N THR A 25 36.73 -5.47 -15.49
CA THR A 25 37.04 -4.32 -14.64
C THR A 25 37.59 -4.76 -13.29
N SER A 26 38.72 -4.20 -12.91
CA SER A 26 39.30 -4.53 -11.62
C SER A 26 38.62 -3.72 -10.52
N LYS A 27 38.72 -4.25 -9.28
CA LYS A 27 38.14 -3.58 -8.11
C LYS A 27 38.57 -2.11 -8.03
N ASP A 28 39.86 -1.86 -8.21
CA ASP A 28 40.44 -0.54 -7.99
C ASP A 28 39.99 0.49 -9.01
N THR A 29 39.50 0.06 -10.17
CA THR A 29 38.96 1.02 -11.13
C THR A 29 37.84 1.86 -10.52
N TYR A 30 37.15 1.31 -9.52
CA TYR A 30 36.05 2.01 -8.86
C TYR A 30 36.55 3.09 -7.91
N LEU A 31 37.75 2.92 -7.35
CA LEU A 31 38.27 3.91 -6.42
C LEU A 31 38.57 5.24 -7.11
N SER A 32 39.03 5.19 -8.35
CA SER A 32 39.52 6.39 -9.04
C SER A 32 38.68 6.83 -10.23
N HIS A 33 37.99 5.90 -10.89
CA HIS A 33 37.42 6.20 -12.20
C HIS A 33 35.90 6.12 -12.23
N PHE A 34 35.26 5.63 -11.18
CA PHE A 34 33.80 5.59 -11.06
C PHE A 34 33.33 6.92 -10.50
N ASN A 35 32.57 7.68 -11.30
CA ASN A 35 32.08 8.98 -10.85
C ASN A 35 30.70 8.81 -10.23
N PRO A 36 30.59 8.85 -8.90
CA PRO A 36 29.29 8.59 -8.25
C PRO A 36 28.19 9.55 -8.67
N ARG A 37 28.49 10.85 -8.78
CA ARG A 37 27.44 11.80 -9.12
C ARG A 37 27.00 11.64 -10.57
N ASP A 38 27.93 11.29 -11.46
CA ASP A 38 27.54 10.96 -12.83
C ASP A 38 26.63 9.74 -12.85
N TYR A 39 26.97 8.71 -12.09
CA TYR A 39 26.13 7.52 -12.00
C TYR A 39 24.73 7.87 -11.51
N LEU A 40 24.64 8.69 -10.46
CA LEU A 40 23.33 9.06 -9.92
C LEU A 40 22.50 9.82 -10.94
N GLU A 41 23.11 10.76 -11.66
CA GLU A 41 22.38 11.54 -12.65
C GLU A 41 21.91 10.68 -13.82
N LYS A 42 22.71 9.68 -14.21
CA LYS A 42 22.33 8.85 -15.35
C LYS A 42 21.24 7.85 -14.99
N TYR A 43 21.25 7.32 -13.77
CA TYR A 43 20.40 6.19 -13.42
C TYR A 43 19.24 6.50 -12.48
N TYR A 44 19.33 7.57 -11.68
CA TYR A 44 18.38 7.74 -10.59
C TYR A 44 17.74 9.12 -10.57
N LYS A 45 17.73 9.82 -11.70
CA LYS A 45 17.00 11.09 -11.77
C LYS A 45 15.49 10.87 -11.73
N PHE A 46 15.02 9.70 -12.16
CA PHE A 46 13.64 9.27 -11.96
C PHE A 46 12.65 10.27 -12.56
N GLY A 47 12.84 10.58 -13.84
CA GLY A 47 11.93 11.48 -14.52
C GLY A 47 10.55 10.86 -14.71
N SER A 48 9.69 11.62 -15.38
CA SER A 48 8.31 11.21 -15.62
C SER A 48 8.03 10.79 -17.06
N ARG A 49 9.04 10.36 -17.81
CA ARG A 49 8.84 10.00 -19.21
C ARG A 49 8.90 8.50 -19.46
N HIS A 50 8.80 7.69 -18.41
CA HIS A 50 8.73 6.24 -18.56
C HIS A 50 9.95 5.68 -19.29
N SER A 51 11.10 6.29 -19.08
CA SER A 51 12.34 5.76 -19.63
C SER A 51 12.61 4.38 -19.04
N ALA A 52 13.49 3.64 -19.70
CA ALA A 52 13.83 2.31 -19.21
C ALA A 52 14.40 2.37 -17.79
N GLU A 53 15.23 3.37 -17.51
CA GLU A 53 15.77 3.51 -16.15
C GLU A 53 14.68 3.78 -15.14
N SER A 54 13.70 4.62 -15.49
CA SER A 54 12.64 4.95 -14.55
C SER A 54 11.74 3.74 -14.30
N GLN A 55 11.40 2.99 -15.37
CA GLN A 55 10.57 1.81 -15.18
C GLN A 55 11.28 0.76 -14.34
N ILE A 56 12.59 0.59 -14.55
CA ILE A 56 13.34 -0.39 -13.76
C ILE A 56 13.41 0.03 -12.31
N LEU A 57 13.72 1.30 -12.06
CA LEU A 57 13.74 1.81 -10.69
C LEU A 57 12.40 1.59 -10.00
N LYS A 58 11.31 1.92 -10.71
CA LYS A 58 9.97 1.69 -10.20
C LYS A 58 9.77 0.24 -9.78
N HIS A 59 10.23 -0.70 -10.61
CA HIS A 59 10.08 -2.10 -10.28
C HIS A 59 10.95 -2.49 -9.09
N LEU A 60 12.18 -1.97 -9.04
CA LEU A 60 13.04 -2.27 -7.90
C LEU A 60 12.40 -1.82 -6.59
N LEU A 61 11.83 -0.62 -6.59
CA LEU A 61 11.19 -0.08 -5.39
C LEU A 61 10.00 -0.91 -4.96
N LYS A 62 9.17 -1.36 -5.92
CA LYS A 62 7.98 -2.15 -5.56
C LYS A 62 8.37 -3.47 -4.92
N ASN A 63 9.41 -4.13 -5.42
CA ASN A 63 9.85 -5.38 -4.83
C ASN A 63 10.43 -5.15 -3.43
N LEU A 64 11.28 -4.13 -3.30
CA LEU A 64 11.79 -3.77 -1.97
C LEU A 64 10.65 -3.48 -1.00
N PHE A 65 9.64 -2.72 -1.47
CA PHE A 65 8.45 -2.50 -0.66
C PHE A 65 7.76 -3.81 -0.33
N LYS A 66 7.56 -4.67 -1.35
CA LYS A 66 6.90 -5.94 -1.10
C LYS A 66 7.72 -6.83 -0.16
N ILE A 67 9.06 -6.80 -0.29
CA ILE A 67 9.90 -7.68 0.52
C ILE A 67 9.90 -7.22 1.98
N PHE A 68 10.15 -5.93 2.22
CA PHE A 68 10.37 -5.44 3.57
C PHE A 68 9.09 -4.96 4.26
N CYS A 69 8.03 -4.67 3.53
CA CYS A 69 6.78 -4.22 4.14
C CYS A 69 5.66 -5.24 4.07
N LEU A 70 5.48 -5.93 2.95
CA LEU A 70 4.39 -6.88 2.83
C LEU A 70 4.78 -8.28 3.28
N ASP A 71 5.96 -8.75 2.90
CA ASP A 71 6.43 -10.07 3.33
C ASP A 71 7.04 -10.06 4.72
N GLY A 72 7.08 -8.91 5.39
CA GLY A 72 7.57 -8.83 6.76
C GLY A 72 8.99 -9.29 6.98
N VAL A 73 9.88 -9.09 6.00
CA VAL A 73 11.31 -9.31 6.23
C VAL A 73 11.81 -8.20 7.15
N LYS A 74 12.20 -8.57 8.37
CA LYS A 74 12.50 -7.61 9.42
C LYS A 74 13.59 -8.18 10.32
N GLY A 75 14.15 -7.31 11.15
CA GLY A 75 15.15 -7.73 12.11
C GLY A 75 15.84 -6.55 12.74
N ASP A 76 16.92 -6.85 13.47
CA ASP A 76 17.71 -5.80 14.12
C ASP A 76 18.67 -5.14 13.14
N LEU A 77 19.47 -5.93 12.44
CA LEU A 77 20.59 -5.43 11.64
C LEU A 77 20.41 -5.84 10.19
N LEU A 78 20.39 -4.85 9.30
CA LEU A 78 20.49 -5.07 7.86
C LEU A 78 21.81 -4.49 7.39
N ILE A 79 22.58 -5.29 6.65
CA ILE A 79 23.82 -4.85 6.04
C ILE A 79 23.57 -4.73 4.55
N ASP A 80 23.77 -3.52 4.01
CA ASP A 80 23.63 -3.28 2.58
C ASP A 80 25.02 -3.39 1.96
N ILE A 81 25.16 -4.32 1.01
CA ILE A 81 26.46 -4.62 0.39
C ILE A 81 26.50 -4.00 -0.99
N GLY A 82 27.54 -3.22 -1.25
CA GLY A 82 27.67 -2.57 -2.55
C GLY A 82 26.66 -1.46 -2.78
N SER A 83 26.41 -0.65 -1.75
CA SER A 83 25.43 0.43 -1.87
C SER A 83 25.74 1.38 -3.01
N GLY A 84 27.01 1.55 -3.37
CA GLY A 84 27.42 2.64 -4.20
C GLY A 84 27.01 3.96 -3.55
N PRO A 85 26.62 4.94 -4.35
CA PRO A 85 26.13 6.21 -3.79
C PRO A 85 24.63 6.31 -3.61
N THR A 86 23.89 5.21 -3.67
CA THR A 86 22.44 5.24 -3.71
C THR A 86 21.83 4.93 -2.34
N ILE A 87 20.62 5.45 -2.11
CA ILE A 87 19.85 5.14 -0.92
C ILE A 87 18.48 4.56 -1.23
N TYR A 88 18.07 4.54 -2.51
CA TYR A 88 16.74 4.05 -2.87
C TYR A 88 16.47 2.66 -2.31
N GLN A 89 17.50 1.81 -2.27
CA GLN A 89 17.34 0.43 -1.85
C GLN A 89 17.14 0.29 -0.34
N LEU A 90 17.17 1.39 0.40
CA LEU A 90 17.03 1.37 1.85
C LEU A 90 15.73 2.00 2.34
N LEU A 91 14.92 2.58 1.44
CA LEU A 91 13.80 3.40 1.90
C LEU A 91 12.71 2.55 2.52
N SER A 92 12.38 1.41 1.91
CA SER A 92 11.44 0.51 2.55
C SER A 92 12.08 -0.29 3.66
N ALA A 93 13.37 -0.60 3.53
CA ALA A 93 14.07 -1.43 4.52
C ALA A 93 14.12 -0.77 5.89
N CYS A 94 14.21 0.57 5.94
CA CYS A 94 14.31 1.25 7.23
C CYS A 94 13.01 1.20 8.03
N GLU A 95 11.91 0.76 7.42
CA GLU A 95 10.68 0.52 8.18
C GLU A 95 10.74 -0.76 8.99
N SER A 96 11.57 -1.72 8.60
CA SER A 96 11.56 -3.05 9.20
C SER A 96 12.84 -3.43 9.91
N PHE A 97 13.89 -2.61 9.85
CA PHE A 97 15.17 -2.93 10.49
C PHE A 97 15.60 -1.78 11.38
N LYS A 98 16.02 -2.12 12.61
CA LYS A 98 16.41 -1.11 13.58
C LYS A 98 17.69 -0.39 13.18
N GLU A 99 18.64 -1.12 12.61
CA GLU A 99 19.94 -0.58 12.25
C GLU A 99 20.28 -0.96 10.82
N ILE A 100 20.82 -0.02 10.06
CA ILE A 100 21.24 -0.26 8.69
C ILE A 100 22.71 0.10 8.58
N VAL A 101 23.51 -0.82 8.07
CA VAL A 101 24.92 -0.59 7.79
C VAL A 101 25.09 -0.62 6.28
N VAL A 102 25.57 0.48 5.72
CA VAL A 102 25.77 0.61 4.28
C VAL A 102 27.26 0.45 3.98
N THR A 103 27.56 -0.33 2.95
CA THR A 103 28.94 -0.65 2.62
C THR A 103 29.16 -0.54 1.11
N ASP A 104 30.40 -0.24 0.73
CA ASP A 104 30.80 -0.22 -0.66
C ASP A 104 32.32 -0.31 -0.73
N TYR A 105 32.81 -0.72 -1.89
CA TYR A 105 34.26 -0.78 -2.08
C TYR A 105 34.85 0.60 -2.34
N SER A 106 34.07 1.51 -2.91
CA SER A 106 34.57 2.81 -3.34
C SER A 106 34.31 3.85 -2.26
N ASP A 107 35.38 4.45 -1.73
CA ASP A 107 35.21 5.47 -0.70
C ASP A 107 34.52 6.70 -1.26
N GLN A 108 34.75 7.02 -2.54
CA GLN A 108 34.06 8.14 -3.16
C GLN A 108 32.56 7.90 -3.21
N ASN A 109 32.14 6.65 -3.43
CA ASN A 109 30.71 6.33 -3.37
C ASN A 109 30.16 6.58 -1.97
N LEU A 110 30.89 6.14 -0.94
CA LEU A 110 30.43 6.32 0.43
C LEU A 110 30.36 7.80 0.80
N GLN A 111 31.31 8.60 0.28
CA GLN A 111 31.28 10.03 0.57
C GLN A 111 30.10 10.72 -0.10
N GLU A 112 29.77 10.31 -1.32
CA GLU A 112 28.57 10.84 -1.98
C GLU A 112 27.32 10.44 -1.21
N LEU A 113 27.28 9.20 -0.73
CA LEU A 113 26.20 8.75 0.14
C LEU A 113 26.13 9.60 1.41
N GLU A 114 27.29 9.80 2.03
CA GLU A 114 27.37 10.53 3.29
C GLU A 114 26.89 11.97 3.13
N LYS A 115 27.07 12.56 1.94
CA LYS A 115 26.50 13.88 1.68
C LYS A 115 25.00 13.90 1.91
N TRP A 116 24.30 12.87 1.45
CA TRP A 116 22.85 12.82 1.64
C TRP A 116 22.50 12.50 3.09
N LEU A 117 23.22 11.55 3.71
CA LEU A 117 22.95 11.23 5.11
C LEU A 117 23.06 12.46 5.99
N LYS A 118 24.08 13.29 5.76
CA LYS A 118 24.22 14.54 6.49
C LYS A 118 23.23 15.61 6.02
N ALA A 119 22.46 15.34 4.96
CA ALA A 119 21.52 16.30 4.38
C ALA A 119 22.23 17.56 3.90
N ALA A 120 23.41 17.38 3.31
CA ALA A 120 24.12 18.51 2.73
C ALA A 120 23.32 19.11 1.58
N PRO A 121 23.27 20.44 1.48
CA PRO A 121 22.55 21.06 0.34
C PRO A 121 23.10 20.64 -1.01
N ALA A 122 24.34 20.14 -1.08
CA ALA A 122 24.93 19.70 -2.34
C ALA A 122 24.69 18.21 -2.63
N ALA A 123 24.00 17.50 -1.74
CA ALA A 123 23.71 16.09 -1.97
C ALA A 123 22.72 15.90 -3.11
N PHE A 124 22.76 14.71 -3.71
CA PHE A 124 21.84 14.37 -4.79
C PHE A 124 20.39 14.44 -4.31
N ASP A 125 19.50 14.82 -5.22
CA ASP A 125 18.09 15.01 -4.91
C ASP A 125 17.36 13.68 -5.11
N TRP A 126 17.04 13.01 -4.00
CA TRP A 126 16.31 11.75 -4.00
C TRP A 126 14.80 11.92 -3.85
N SER A 127 14.31 13.16 -3.72
CA SER A 127 12.91 13.36 -3.33
C SER A 127 11.89 12.74 -4.28
N PRO A 128 12.07 12.72 -5.61
CA PRO A 128 11.08 12.00 -6.44
C PRO A 128 11.03 10.51 -6.13
N VAL A 129 12.15 9.91 -5.77
CA VAL A 129 12.14 8.50 -5.35
C VAL A 129 11.51 8.39 -3.96
N VAL A 130 11.85 9.33 -3.07
CA VAL A 130 11.24 9.33 -1.73
C VAL A 130 9.72 9.48 -1.85
N THR A 131 9.27 10.35 -2.74
CA THR A 131 7.84 10.56 -2.93
C THR A 131 7.16 9.28 -3.41
N TYR A 132 7.77 8.64 -4.42
CA TYR A 132 7.25 7.37 -4.92
C TYR A 132 7.12 6.33 -3.82
N VAL A 133 8.15 6.20 -2.98
CA VAL A 133 8.13 5.19 -1.93
C VAL A 133 7.07 5.48 -0.89
N CYS A 134 6.96 6.75 -0.47
CA CYS A 134 5.92 7.12 0.48
C CYS A 134 4.54 6.78 -0.06
N ASP A 135 4.32 7.00 -1.36
CA ASP A 135 3.05 6.66 -1.98
CA ASP A 135 3.04 6.66 -1.96
C ASP A 135 2.78 5.16 -1.91
N LEU A 136 3.79 4.36 -2.24
CA LEU A 136 3.67 2.90 -2.16
C LEU A 136 3.19 2.45 -0.78
N GLU A 137 3.76 3.03 0.28
CA GLU A 137 3.46 2.64 1.64
C GLU A 137 2.18 3.28 2.18
N GLY A 138 1.36 3.85 1.30
CA GLY A 138 0.07 4.37 1.69
C GLY A 138 0.08 5.76 2.27
N ASN A 139 1.15 6.54 2.03
CA ASN A 139 1.24 7.93 2.49
C ASN A 139 0.94 8.05 3.99
N ARG A 140 1.33 7.04 4.76
CA ARG A 140 1.18 7.12 6.21
C ARG A 140 2.08 8.21 6.80
N VAL A 141 3.21 8.49 6.14
CA VAL A 141 4.13 9.53 6.56
C VAL A 141 4.54 10.32 5.33
N LYS A 142 5.05 11.53 5.56
CA LYS A 142 5.48 12.39 4.48
C LYS A 142 6.97 12.21 4.19
N GLY A 143 7.42 12.83 3.10
CA GLY A 143 8.78 12.73 2.62
C GLY A 143 9.85 12.99 3.66
N PRO A 144 9.81 14.18 4.28
CA PRO A 144 10.84 14.48 5.30
C PRO A 144 10.86 13.49 6.45
N GLU A 145 9.69 13.07 6.93
CA GLU A 145 9.64 12.09 7.99
C GLU A 145 10.27 10.77 7.55
N LYS A 146 10.06 10.41 6.28
CA LYS A 146 10.66 9.19 5.75
C LYS A 146 12.17 9.31 5.69
N GLU A 147 12.67 10.44 5.18
CA GLU A 147 14.11 10.67 5.09
C GLU A 147 14.75 10.64 6.47
N GLU A 148 14.09 11.20 7.49
CA GLU A 148 14.65 11.16 8.83
C GLU A 148 14.67 9.75 9.39
N LYS A 149 13.67 8.92 9.04
CA LYS A 149 13.71 7.52 9.44
C LYS A 149 14.91 6.79 8.87
N LEU A 150 15.24 7.06 7.60
CA LEU A 150 16.39 6.40 6.99
C LEU A 150 17.70 6.91 7.58
N ARG A 151 17.83 8.24 7.70
CA ARG A 151 19.04 8.81 8.28
C ARG A 151 19.28 8.30 9.70
N GLN A 152 18.22 8.17 10.51
CA GLN A 152 18.37 7.62 11.85
C GLN A 152 18.80 6.16 11.81
N ALA A 153 18.29 5.40 10.84
CA ALA A 153 18.54 3.96 10.82
C ALA A 153 19.97 3.64 10.40
N VAL A 154 20.58 4.46 9.55
CA VAL A 154 21.92 4.18 9.04
C VAL A 154 22.91 4.50 10.17
N LYS A 155 23.52 3.45 10.73
CA LYS A 155 24.36 3.58 11.90
C LYS A 155 25.84 3.69 11.56
N GLN A 156 26.27 3.00 10.51
CA GLN A 156 27.67 2.93 10.14
C GLN A 156 27.79 2.92 8.62
N VAL A 157 28.90 3.45 8.13
CA VAL A 157 29.20 3.48 6.69
C VAL A 157 30.60 2.90 6.52
N LEU A 158 30.68 1.69 5.98
CA LEU A 158 31.91 0.92 6.04
C LEU A 158 32.40 0.53 4.65
N LYS A 159 33.69 0.22 4.58
CA LYS A 159 34.28 -0.34 3.39
C LYS A 159 34.00 -1.85 3.33
N CYS A 160 33.69 -2.33 2.13
CA CYS A 160 33.46 -3.76 1.94
C CYS A 160 34.16 -4.23 0.68
N ASP A 161 34.55 -5.50 0.70
CA ASP A 161 35.19 -6.16 -0.44
C ASP A 161 34.66 -7.59 -0.44
N VAL A 162 33.72 -7.88 -1.34
CA VAL A 162 33.03 -9.16 -1.34
C VAL A 162 33.96 -10.31 -1.71
N THR A 163 35.12 -10.03 -2.31
CA THR A 163 36.07 -11.07 -2.66
C THR A 163 36.88 -11.56 -1.47
N GLN A 164 36.74 -10.92 -0.31
CA GLN A 164 37.47 -11.25 0.90
C GLN A 164 36.63 -12.16 1.78
N SER A 165 37.28 -13.12 2.44
CA SER A 165 36.58 -14.00 3.35
C SER A 165 35.84 -13.20 4.43
N GLN A 166 36.47 -12.12 4.88
CA GLN A 166 35.86 -11.17 5.82
C GLN A 166 35.51 -9.91 5.03
N PRO A 167 34.32 -9.82 4.43
CA PRO A 167 34.02 -8.71 3.52
C PRO A 167 34.12 -7.34 4.19
N LEU A 168 33.93 -7.24 5.49
CA LEU A 168 34.05 -5.96 6.20
C LEU A 168 35.36 -5.87 7.00
N GLY A 169 36.36 -6.67 6.65
CA GLY A 169 37.61 -6.64 7.40
C GLY A 169 37.42 -6.95 8.87
N ALA A 170 38.18 -6.26 9.72
CA ALA A 170 38.17 -6.55 11.15
C ALA A 170 37.02 -5.85 11.87
N VAL A 171 36.21 -5.08 11.17
CA VAL A 171 35.12 -4.32 11.82
C VAL A 171 34.21 -5.27 12.58
N PRO A 172 33.99 -5.05 13.88
CA PRO A 172 33.13 -5.96 14.65
C PRO A 172 31.66 -5.62 14.48
N LEU A 173 30.86 -6.63 14.12
CA LEU A 173 29.43 -6.48 13.98
C LEU A 173 28.74 -7.76 14.45
N PRO A 174 27.59 -7.65 15.11
CA PRO A 174 26.82 -8.84 15.44
C PRO A 174 26.31 -9.52 14.18
N PRO A 175 26.02 -10.81 14.24
CA PRO A 175 25.38 -11.47 13.09
C PRO A 175 24.13 -10.72 12.67
N ALA A 176 24.03 -10.46 11.37
CA ALA A 176 22.95 -9.66 10.81
C ALA A 176 21.70 -10.50 10.57
N ASP A 177 20.55 -9.85 10.63
CA ASP A 177 19.30 -10.51 10.24
C ASP A 177 19.10 -10.52 8.73
N CYS A 178 19.70 -9.57 8.01
CA CYS A 178 19.51 -9.50 6.57
C CYS A 178 20.71 -8.87 5.91
N VAL A 179 21.19 -9.48 4.82
CA VAL A 179 22.17 -8.89 3.93
C VAL A 179 21.48 -8.54 2.63
N LEU A 180 21.60 -7.28 2.21
CA LEU A 180 20.98 -6.78 0.99
C LEU A 180 22.05 -6.30 0.04
N SER A 181 21.87 -6.61 -1.24
CA SER A 181 22.81 -6.18 -2.28
C SER A 181 22.07 -6.01 -3.59
N THR A 182 22.02 -4.78 -4.10
CA THR A 182 21.32 -4.46 -5.34
C THR A 182 22.32 -3.99 -6.38
N LEU A 183 22.31 -4.65 -7.53
CA LEU A 183 23.11 -4.23 -8.70
C LEU A 183 24.60 -4.18 -8.38
N CYS A 184 25.05 -5.02 -7.45
CA CYS A 184 26.43 -5.01 -6.98
C CYS A 184 27.26 -6.20 -7.44
N LEU A 185 26.76 -7.43 -7.21
CA LEU A 185 27.61 -8.61 -7.38
C LEU A 185 28.00 -8.84 -8.84
N ASP A 186 27.09 -8.55 -9.77
CA ASP A 186 27.42 -8.67 -11.19
C ASP A 186 28.65 -7.81 -11.54
N ALA A 187 28.72 -6.60 -11.01
CA ALA A 187 29.82 -5.70 -11.32
C ALA A 187 31.07 -6.02 -10.52
N ALA A 188 30.94 -6.71 -9.40
CA ALA A 188 32.05 -6.93 -8.47
C ALA A 188 32.71 -8.30 -8.61
N CYS A 189 32.09 -9.24 -9.32
CA CYS A 189 32.61 -10.60 -9.40
C CYS A 189 33.03 -10.89 -10.84
N PRO A 190 34.33 -11.02 -11.13
CA PRO A 190 34.77 -11.19 -12.52
C PRO A 190 34.50 -12.56 -13.12
N ASP A 191 34.15 -13.56 -12.32
CA ASP A 191 33.88 -14.88 -12.87
C ASP A 191 32.95 -15.63 -11.92
N LEU A 192 32.45 -16.77 -12.41
CA LEU A 192 31.49 -17.55 -11.64
C LEU A 192 32.04 -18.11 -10.33
N PRO A 193 33.27 -18.63 -10.25
CA PRO A 193 33.78 -19.05 -8.94
C PRO A 193 33.88 -17.92 -7.93
N THR A 194 34.34 -16.74 -8.36
CA THR A 194 34.34 -15.57 -7.46
C THR A 194 32.92 -15.22 -7.03
N TYR A 195 31.96 -15.31 -7.96
CA TYR A 195 30.57 -15.05 -7.62
C TYR A 195 30.08 -15.95 -6.49
N CYS A 196 30.29 -17.26 -6.64
CA CYS A 196 29.91 -18.18 -5.57
CA CYS A 196 29.93 -18.20 -5.57
C CYS A 196 30.74 -17.92 -4.30
N ARG A 197 32.02 -17.58 -4.47
CA ARG A 197 32.86 -17.23 -3.33
C ARG A 197 32.27 -16.06 -2.56
N ALA A 198 31.82 -15.03 -3.28
CA ALA A 198 31.29 -13.84 -2.63
C ALA A 198 30.01 -14.14 -1.86
N LEU A 199 29.11 -14.95 -2.43
CA LEU A 199 27.87 -15.29 -1.73
C LEU A 199 28.18 -16.08 -0.46
N ARG A 200 29.21 -16.92 -0.50
CA ARG A 200 29.63 -17.62 0.71
C ARG A 200 30.25 -16.65 1.72
N ASN A 201 31.04 -15.70 1.23
CA ASN A 201 31.61 -14.67 2.11
C ASN A 201 30.52 -13.83 2.75
N LEU A 202 29.52 -13.44 1.95
CA LEU A 202 28.42 -12.61 2.46
C LEU A 202 27.67 -13.32 3.58
N GLY A 203 27.51 -14.64 3.47
CA GLY A 203 26.82 -15.41 4.49
C GLY A 203 27.51 -15.40 5.84
N SER A 204 28.83 -15.18 5.87
CA SER A 204 29.55 -15.10 7.13
C SER A 204 29.05 -13.94 8.00
N LEU A 205 28.41 -12.94 7.37
CA LEU A 205 27.85 -11.80 8.11
C LEU A 205 26.44 -12.08 8.63
N LEU A 206 25.86 -13.23 8.30
CA LEU A 206 24.44 -13.50 8.51
C LEU A 206 24.23 -14.53 9.59
N LYS A 207 23.20 -14.32 10.41
CA LYS A 207 22.77 -15.36 11.32
C LYS A 207 22.34 -16.59 10.51
N PRO A 208 22.39 -17.78 11.10
CA PRO A 208 21.66 -18.90 10.50
C PRO A 208 20.18 -18.54 10.42
N GLY A 209 19.57 -18.88 9.30
CA GLY A 209 18.20 -18.47 9.04
C GLY A 209 18.03 -17.02 8.62
N GLY A 210 19.11 -16.25 8.53
CA GLY A 210 19.01 -14.86 8.09
C GLY A 210 18.67 -14.74 6.61
N PHE A 211 18.30 -13.53 6.23
CA PHE A 211 17.78 -13.25 4.89
C PHE A 211 18.88 -12.71 3.97
N LEU A 212 18.96 -13.28 2.77
CA LEU A 212 19.79 -12.76 1.69
C LEU A 212 18.87 -12.23 0.59
N VAL A 213 19.01 -10.94 0.28
CA VAL A 213 18.19 -10.29 -0.74
C VAL A 213 19.12 -9.76 -1.82
N ILE A 214 19.00 -10.31 -3.02
CA ILE A 214 19.82 -9.93 -4.16
C ILE A 214 18.90 -9.45 -5.28
N MET A 215 19.24 -8.32 -5.88
CA MET A 215 18.59 -7.84 -7.09
C MET A 215 19.68 -7.36 -8.04
N ASP A 216 19.67 -7.88 -9.27
CA ASP A 216 20.78 -7.61 -10.17
C ASP A 216 20.35 -7.87 -11.61
N ALA A 217 21.21 -7.48 -12.54
CA ALA A 217 20.93 -7.63 -13.96
C ALA A 217 21.13 -9.07 -14.40
N LEU A 218 20.44 -9.46 -15.47
CA LEU A 218 20.53 -10.79 -16.04
C LEU A 218 21.23 -10.71 -17.40
N LYS A 219 22.18 -11.61 -17.63
CA LYS A 219 22.89 -11.73 -18.90
C LYS A 219 23.43 -10.38 -19.38
N SER A 220 24.17 -9.71 -18.50
CA SER A 220 24.70 -8.39 -18.77
C SER A 220 26.22 -8.44 -18.74
N SER A 221 26.85 -7.92 -19.79
CA SER A 221 28.30 -7.92 -19.90
C SER A 221 28.94 -6.57 -19.58
N TYR A 222 28.14 -5.52 -19.47
CA TYR A 222 28.70 -4.20 -19.20
C TYR A 222 27.57 -3.25 -18.81
N TYR A 223 27.96 -2.12 -18.22
CA TYR A 223 27.06 -1.00 -18.05
C TYR A 223 27.83 0.30 -18.25
N MET A 224 27.10 1.35 -18.62
CA MET A 224 27.66 2.61 -19.07
C MET A 224 27.32 3.73 -18.10
N ILE A 225 28.30 4.58 -17.81
CA ILE A 225 28.05 5.90 -17.24
C ILE A 225 28.68 6.90 -18.20
N GLY A 226 27.86 7.51 -19.06
CA GLY A 226 28.40 8.36 -20.11
C GLY A 226 29.25 7.54 -21.06
N GLU A 227 30.48 7.99 -21.29
CA GLU A 227 31.40 7.26 -22.15
C GLU A 227 32.23 6.24 -21.38
N GLN A 228 32.00 6.09 -20.09
CA GLN A 228 32.72 5.12 -19.28
C GLN A 228 31.97 3.80 -19.27
N LYS A 229 32.67 2.72 -19.63
CA LYS A 229 32.12 1.37 -19.66
C LYS A 229 32.71 0.59 -18.49
N PHE A 230 31.87 -0.20 -17.83
CA PHE A 230 32.32 -1.03 -16.72
C PHE A 230 31.86 -2.47 -16.97
N SER A 231 32.66 -3.43 -16.54
CA SER A 231 32.36 -4.82 -16.80
C SER A 231 31.21 -5.30 -15.93
N SER A 232 30.52 -6.33 -16.41
CA SER A 232 29.47 -7.02 -15.67
C SER A 232 29.51 -8.50 -16.01
N LEU A 233 29.43 -9.35 -15.01
CA LEU A 233 29.36 -10.79 -15.23
C LEU A 233 28.01 -11.17 -15.81
N PRO A 234 27.92 -11.66 -17.05
CA PRO A 234 26.62 -12.01 -17.62
C PRO A 234 26.12 -13.36 -17.12
N LEU A 235 25.18 -13.34 -16.18
CA LEU A 235 24.67 -14.56 -15.57
C LEU A 235 23.21 -14.74 -15.91
N GLY A 236 22.84 -15.97 -16.29
CA GLY A 236 21.45 -16.35 -16.44
C GLY A 236 20.85 -16.85 -15.13
N ARG A 237 19.52 -16.93 -15.13
CA ARG A 237 18.79 -17.29 -13.90
C ARG A 237 19.28 -18.60 -13.31
N GLU A 238 19.49 -19.61 -14.14
CA GLU A 238 19.88 -20.93 -13.65
C GLU A 238 21.23 -20.87 -12.92
N ALA A 239 22.18 -20.12 -13.47
CA ALA A 239 23.48 -19.99 -12.81
C ALA A 239 23.35 -19.30 -11.46
N VAL A 240 22.56 -18.23 -11.40
CA VAL A 240 22.35 -17.53 -10.13
C VAL A 240 21.74 -18.47 -9.10
N GLU A 241 20.67 -19.18 -9.50
CA GLU A 241 20.01 -20.10 -8.58
C GLU A 241 20.97 -21.17 -8.06
N ALA A 242 21.77 -21.75 -8.96
CA ALA A 242 22.73 -22.77 -8.56
C ALA A 242 23.77 -22.19 -7.60
N ALA A 243 24.31 -21.01 -7.93
CA ALA A 243 25.33 -20.40 -7.09
C ALA A 243 24.81 -20.10 -5.68
N VAL A 244 23.56 -19.61 -5.58
CA VAL A 244 23.01 -19.26 -4.27
C VAL A 244 22.82 -20.52 -3.43
N LYS A 245 22.25 -21.57 -4.04
CA LYS A 245 22.08 -22.84 -3.32
C LYS A 245 23.42 -23.42 -2.90
N GLU A 246 24.40 -23.40 -3.81
CA GLU A 246 25.72 -23.94 -3.50
C GLU A 246 26.40 -23.18 -2.37
N ALA A 247 26.15 -21.89 -2.26
CA ALA A 247 26.79 -21.07 -1.23
C ALA A 247 26.17 -21.24 0.15
N GLY A 248 25.17 -22.12 0.30
CA GLY A 248 24.60 -22.41 1.59
C GLY A 248 23.31 -21.69 1.92
N TYR A 249 22.47 -21.40 0.92
CA TYR A 249 21.21 -20.73 1.15
C TYR A 249 20.07 -21.56 0.58
N THR A 250 18.88 -21.35 1.13
CA THR A 250 17.65 -21.87 0.56
C THR A 250 16.84 -20.71 -0.02
N ILE A 251 16.42 -20.84 -1.27
CA ILE A 251 15.74 -19.77 -1.97
C ILE A 251 14.26 -19.78 -1.57
N GLU A 252 13.76 -18.63 -1.12
CA GLU A 252 12.36 -18.53 -0.71
C GLU A 252 11.46 -18.13 -1.87
N TRP A 253 11.94 -17.26 -2.74
CA TRP A 253 11.28 -16.95 -4.01
C TRP A 253 12.26 -16.26 -4.94
N PHE A 254 12.01 -16.40 -6.23
CA PHE A 254 12.91 -15.92 -7.27
C PHE A 254 12.03 -15.35 -8.38
N GLU A 255 12.29 -14.09 -8.76
CA GLU A 255 11.52 -13.42 -9.78
C GLU A 255 12.44 -12.91 -10.88
N VAL A 256 11.97 -13.00 -12.12
CA VAL A 256 12.67 -12.53 -13.29
C VAL A 256 11.74 -11.62 -14.07
N ILE A 257 12.21 -10.42 -14.43
CA ILE A 257 11.47 -9.50 -15.27
C ILE A 257 12.28 -9.24 -16.52
N SER A 258 11.59 -9.08 -17.64
CA SER A 258 12.24 -8.94 -18.95
C SER A 258 12.63 -7.50 -19.27
N GLN A 259 12.09 -6.52 -18.54
CA GLN A 259 12.42 -5.11 -18.78
C GLN A 259 13.92 -4.89 -18.71
N SER A 260 14.47 -4.22 -19.71
CA SER A 260 15.91 -4.00 -19.79
C SER A 260 16.25 -2.52 -19.82
N TYR A 261 17.49 -2.21 -19.48
CA TYR A 261 17.99 -0.85 -19.65
C TYR A 261 18.17 -0.55 -21.13
N SER A 262 18.19 0.74 -21.46
CA SER A 262 18.56 1.12 -22.81
C SER A 262 20.01 0.71 -23.07
N SER A 263 20.30 0.33 -24.31
CA SER A 263 21.63 -0.19 -24.64
C SER A 263 22.72 0.84 -24.41
N THR A 264 22.38 2.14 -24.44
CA THR A 264 23.36 3.17 -24.12
C THR A 264 23.84 3.08 -22.68
N MET A 265 23.23 2.24 -21.86
CA MET A 265 23.59 2.10 -20.46
C MET A 265 23.92 0.68 -20.06
N ALA A 266 23.20 -0.32 -20.60
CA ALA A 266 23.48 -1.72 -20.29
C ALA A 266 22.87 -2.61 -21.35
N ASN A 267 23.56 -3.71 -21.64
CA ASN A 267 23.08 -4.74 -22.57
C ASN A 267 22.46 -5.91 -21.83
N ASN A 268 21.72 -5.64 -20.77
CA ASN A 268 21.17 -6.69 -19.92
C ASN A 268 19.90 -7.29 -20.54
N GLU A 269 19.62 -8.52 -20.17
CA GLU A 269 18.38 -9.19 -20.52
C GLU A 269 17.50 -9.31 -19.28
N GLY A 270 16.97 -8.17 -18.85
CA GLY A 270 16.12 -8.12 -17.68
C GLY A 270 16.89 -8.13 -16.37
N LEU A 271 16.13 -8.33 -15.29
CA LEU A 271 16.69 -8.35 -13.95
C LEU A 271 16.08 -9.49 -13.14
N PHE A 272 16.74 -9.84 -12.05
CA PHE A 272 16.22 -10.82 -11.11
C PHE A 272 16.18 -10.24 -9.70
N SER A 273 15.20 -10.70 -8.92
CA SER A 273 15.12 -10.44 -7.48
C SER A 273 14.89 -11.77 -6.78
N LEU A 274 15.60 -11.98 -5.66
CA LEU A 274 15.45 -13.23 -4.91
C LEU A 274 15.56 -12.95 -3.42
N VAL A 275 14.88 -13.80 -2.65
CA VAL A 275 14.99 -13.82 -1.19
C VAL A 275 15.40 -15.22 -0.78
N ALA A 276 16.53 -15.32 -0.09
CA ALA A 276 17.01 -16.60 0.42
C ALA A 276 17.19 -16.54 1.93
N ARG A 277 17.27 -17.72 2.53
CA ARG A 277 17.54 -17.89 3.96
C ARG A 277 18.83 -18.68 4.15
N LYS A 278 19.70 -18.20 5.03
CA LYS A 278 20.92 -18.92 5.34
C LYS A 278 20.56 -20.21 6.08
N LEU A 279 21.18 -21.31 5.68
CA LEU A 279 20.92 -22.58 6.33
C LEU A 279 21.51 -22.67 7.73
N GLY B 23 -9.71 36.82 7.03
CA GLY B 23 -8.94 37.29 5.90
C GLY B 23 -8.94 36.30 4.75
N PHE B 24 -9.15 36.80 3.53
CA PHE B 24 -9.19 35.97 2.34
C PHE B 24 -7.86 36.06 1.62
N THR B 25 -7.32 34.90 1.27
CA THR B 25 -6.06 34.82 0.53
C THR B 25 -6.06 35.76 -0.66
N SER B 26 -5.02 36.58 -0.76
CA SER B 26 -4.94 37.50 -1.89
C SER B 26 -4.37 36.76 -3.10
N LYS B 27 -4.64 37.31 -4.29
CA LYS B 27 -4.05 36.78 -5.51
C LYS B 27 -2.55 36.65 -5.40
N ASP B 28 -1.88 37.66 -4.83
CA ASP B 28 -0.43 37.66 -4.77
C ASP B 28 0.10 36.55 -3.86
N THR B 29 -0.71 36.07 -2.91
CA THR B 29 -0.30 34.93 -2.11
C THR B 29 -0.07 33.70 -2.98
N TYR B 30 -0.75 33.63 -4.14
CA TYR B 30 -0.55 32.52 -5.05
C TYR B 30 0.77 32.63 -5.81
N LEU B 31 1.24 33.85 -6.03
CA LEU B 31 2.54 34.03 -6.69
C LEU B 31 3.68 33.51 -5.82
N SER B 32 3.53 33.55 -4.50
CA SER B 32 4.62 33.26 -3.59
C SER B 32 4.48 31.94 -2.83
N HIS B 33 3.26 31.51 -2.51
CA HIS B 33 3.06 30.37 -1.62
C HIS B 33 2.38 29.18 -2.27
N PHE B 34 1.89 29.31 -3.49
CA PHE B 34 1.27 28.19 -4.18
C PHE B 34 2.37 27.37 -4.86
N ASN B 35 2.53 26.12 -4.43
CA ASN B 35 3.54 25.21 -4.94
C ASN B 35 2.90 24.33 -6.03
N PRO B 36 3.19 24.60 -7.31
CA PRO B 36 2.47 23.87 -8.38
C PRO B 36 2.68 22.36 -8.35
N ARG B 37 3.91 21.89 -8.14
CA ARG B 37 4.15 20.45 -8.18
C ARG B 37 3.59 19.75 -6.95
N ASP B 38 3.61 20.45 -5.81
CA ASP B 38 2.96 19.92 -4.61
C ASP B 38 1.46 19.78 -4.84
N TYR B 39 0.84 20.82 -5.43
CA TYR B 39 -0.58 20.71 -5.76
C TYR B 39 -0.84 19.52 -6.66
N LEU B 40 0.01 19.33 -7.68
CA LEU B 40 -0.15 18.20 -8.59
C LEU B 40 0.02 16.87 -7.87
N GLU B 41 1.01 16.78 -6.99
CA GLU B 41 1.27 15.52 -6.29
C GLU B 41 0.13 15.16 -5.33
N LYS B 42 -0.45 16.17 -4.68
CA LYS B 42 -1.51 15.90 -3.71
C LYS B 42 -2.86 15.60 -4.37
N TYR B 43 -3.14 16.22 -5.52
CA TYR B 43 -4.48 16.16 -6.09
C TYR B 43 -4.63 15.33 -7.36
N TYR B 44 -3.58 15.16 -8.16
CA TYR B 44 -3.76 14.63 -9.51
C TYR B 44 -2.81 13.49 -9.87
N LYS B 45 -2.25 12.78 -8.88
CA LYS B 45 -1.38 11.67 -9.23
C LYS B 45 -2.18 10.49 -9.78
N PHE B 46 -3.45 10.37 -9.38
CA PHE B 46 -4.41 9.47 -10.02
C PHE B 46 -3.89 8.03 -10.06
N GLY B 47 -3.34 7.60 -8.93
CA GLY B 47 -2.89 6.24 -8.80
C GLY B 47 -4.08 5.28 -8.71
N SER B 48 -3.77 4.03 -8.37
CA SER B 48 -4.77 2.98 -8.16
C SER B 48 -4.95 2.86 -6.65
N ARG B 49 -5.55 3.91 -6.07
CA ARG B 49 -5.75 3.96 -4.63
C ARG B 49 -7.08 4.60 -4.28
N HIS B 50 -8.11 4.40 -5.12
CA HIS B 50 -9.50 4.84 -4.93
C HIS B 50 -9.64 5.85 -3.80
N SER B 51 -9.01 7.00 -3.95
CA SER B 51 -9.07 8.10 -2.99
C SER B 51 -10.14 9.11 -3.38
N ALA B 52 -10.47 10.00 -2.44
CA ALA B 52 -11.46 11.04 -2.72
C ALA B 52 -11.04 11.89 -3.91
N GLU B 53 -9.75 12.22 -4.01
CA GLU B 53 -9.26 13.04 -5.11
C GLU B 53 -9.42 12.33 -6.47
N SER B 54 -9.15 11.03 -6.53
CA SER B 54 -9.29 10.30 -7.79
C SER B 54 -10.76 10.19 -8.20
N GLN B 55 -11.63 9.95 -7.22
CA GLN B 55 -13.07 9.88 -7.50
C GLN B 55 -13.59 11.18 -8.10
N ILE B 56 -13.15 12.31 -7.53
CA ILE B 56 -13.58 13.61 -8.05
C ILE B 56 -13.00 13.86 -9.44
N LEU B 57 -11.71 13.58 -9.61
CA LEU B 57 -11.09 13.70 -10.94
C LEU B 57 -11.82 12.84 -11.96
N LYS B 58 -12.09 11.59 -11.60
CA LYS B 58 -12.83 10.68 -12.45
C LYS B 58 -14.16 11.27 -12.89
N HIS B 59 -14.90 11.87 -11.96
CA HIS B 59 -16.18 12.47 -12.33
C HIS B 59 -15.99 13.70 -13.20
N LEU B 60 -15.01 14.55 -12.86
CA LEU B 60 -14.74 15.73 -13.69
C LEU B 60 -14.39 15.33 -15.12
N LEU B 61 -13.55 14.30 -15.28
CA LEU B 61 -13.19 13.85 -16.62
C LEU B 61 -14.42 13.37 -17.39
N LYS B 62 -15.31 12.63 -16.72
CA LYS B 62 -16.52 12.18 -17.39
C LYS B 62 -17.42 13.35 -17.79
N ASN B 63 -17.50 14.37 -16.93
CA ASN B 63 -18.29 15.55 -17.27
C ASN B 63 -17.68 16.31 -18.43
N LEU B 64 -16.36 16.54 -18.38
CA LEU B 64 -15.67 17.16 -19.50
C LEU B 64 -15.85 16.36 -20.78
N PHE B 65 -15.75 15.03 -20.69
CA PHE B 65 -16.01 14.18 -21.84
C PHE B 65 -17.42 14.38 -22.38
N LYS B 66 -18.41 14.38 -21.49
CA LYS B 66 -19.79 14.55 -21.91
C LYS B 66 -20.00 15.90 -22.58
N ILE B 67 -19.35 16.95 -22.06
CA ILE B 67 -19.57 18.30 -22.56
C ILE B 67 -18.97 18.46 -23.95
N PHE B 68 -17.70 18.07 -24.12
CA PHE B 68 -16.99 18.37 -25.35
C PHE B 68 -17.07 17.25 -26.39
N CYS B 69 -17.41 16.03 -25.99
CA CYS B 69 -17.44 14.91 -26.93
C CYS B 69 -18.82 14.31 -27.18
N LEU B 70 -19.79 14.54 -26.29
CA LEU B 70 -21.16 14.11 -26.54
C LEU B 70 -22.11 15.26 -26.85
N ASP B 71 -22.03 16.37 -26.14
CA ASP B 71 -22.88 17.52 -26.41
C ASP B 71 -22.36 18.39 -27.54
N GLY B 72 -21.22 18.04 -28.14
CA GLY B 72 -20.71 18.79 -29.27
C GLY B 72 -20.40 20.24 -29.00
N VAL B 73 -19.97 20.57 -27.78
CA VAL B 73 -19.45 21.90 -27.53
C VAL B 73 -18.09 22.02 -28.22
N LYS B 74 -18.03 22.79 -29.30
CA LYS B 74 -16.83 22.85 -30.13
C LYS B 74 -16.74 24.24 -30.76
N GLY B 75 -15.57 24.54 -31.31
CA GLY B 75 -15.36 25.80 -31.96
C GLY B 75 -13.89 25.99 -32.26
N ASP B 76 -13.55 27.23 -32.65
CA ASP B 76 -12.16 27.54 -32.97
C ASP B 76 -11.32 27.76 -31.71
N LEU B 77 -11.77 28.63 -30.82
CA LEU B 77 -10.95 29.09 -29.71
C LEU B 77 -11.60 28.75 -28.38
N LEU B 78 -10.88 28.02 -27.53
CA LEU B 78 -11.23 27.83 -26.13
C LEU B 78 -10.19 28.50 -25.27
N ILE B 79 -10.64 29.32 -24.32
CA ILE B 79 -9.76 29.97 -23.35
C ILE B 79 -9.97 29.32 -21.99
N ASP B 80 -8.91 28.75 -21.43
CA ASP B 80 -8.95 28.14 -20.10
C ASP B 80 -8.45 29.16 -19.08
N ILE B 81 -9.30 29.47 -18.10
CA ILE B 81 -9.03 30.48 -17.09
C ILE B 81 -8.65 29.79 -15.78
N GLY B 82 -7.51 30.19 -15.21
CA GLY B 82 -7.07 29.60 -13.96
C GLY B 82 -6.61 28.17 -14.11
N SER B 83 -5.88 27.87 -15.18
CA SER B 83 -5.43 26.51 -15.43
C SER B 83 -4.61 25.94 -14.27
N GLY B 84 -3.92 26.81 -13.53
CA GLY B 84 -2.91 26.36 -12.61
C GLY B 84 -1.87 25.54 -13.35
N PRO B 85 -1.36 24.49 -12.71
CA PRO B 85 -0.41 23.59 -13.39
C PRO B 85 -1.05 22.38 -14.04
N THR B 86 -2.36 22.35 -14.20
CA THR B 86 -3.06 21.15 -14.65
C THR B 86 -3.42 21.25 -16.13
N ILE B 87 -3.52 20.09 -16.77
CA ILE B 87 -3.97 19.98 -18.16
C ILE B 87 -5.13 19.00 -18.30
N TYR B 88 -5.48 18.31 -17.21
CA TYR B 88 -6.55 17.32 -17.26
C TYR B 88 -7.82 17.89 -17.87
N GLN B 89 -8.12 19.16 -17.59
CA GLN B 89 -9.34 19.78 -18.06
C GLN B 89 -9.30 20.11 -19.54
N LEU B 90 -8.19 19.82 -20.23
CA LEU B 90 -8.05 20.12 -21.64
C LEU B 90 -8.04 18.88 -22.52
N LEU B 91 -8.05 17.68 -21.94
CA LEU B 91 -7.78 16.49 -22.72
C LEU B 91 -8.93 16.16 -23.67
N SER B 92 -10.17 16.26 -23.19
CA SER B 92 -11.30 16.10 -24.10
C SER B 92 -11.54 17.34 -24.95
N ALA B 93 -11.26 18.52 -24.39
CA ALA B 93 -11.53 19.77 -25.10
C ALA B 93 -10.70 19.88 -26.38
N CYS B 94 -9.48 19.36 -26.39
CA CYS B 94 -8.63 19.50 -27.57
C CYS B 94 -9.13 18.66 -28.75
N GLU B 95 -10.10 17.77 -28.52
CA GLU B 95 -10.74 17.06 -29.62
C GLU B 95 -11.72 17.97 -30.36
N SER B 96 -12.22 19.01 -29.70
CA SER B 96 -13.32 19.81 -30.22
C SER B 96 -12.95 21.27 -30.50
N PHE B 97 -11.75 21.71 -30.14
CA PHE B 97 -11.35 23.09 -30.37
C PHE B 97 -10.02 23.13 -31.10
N LYS B 98 -9.96 23.94 -32.16
CA LYS B 98 -8.74 24.02 -32.96
C LYS B 98 -7.61 24.67 -32.18
N GLU B 99 -7.91 25.68 -31.37
CA GLU B 99 -6.91 26.41 -30.62
C GLU B 99 -7.35 26.56 -29.17
N ILE B 100 -6.41 26.36 -28.25
CA ILE B 100 -6.64 26.47 -26.82
C ILE B 100 -5.61 27.44 -26.23
N VAL B 101 -6.09 28.41 -25.46
CA VAL B 101 -5.23 29.33 -24.72
C VAL B 101 -5.38 29.03 -23.24
N VAL B 102 -4.28 28.71 -22.57
CA VAL B 102 -4.28 28.39 -21.15
C VAL B 102 -3.79 29.61 -20.39
N THR B 103 -4.48 29.96 -19.30
CA THR B 103 -4.18 31.17 -18.55
C THR B 103 -4.24 30.88 -17.06
N ASP B 104 -3.44 31.66 -16.32
CA ASP B 104 -3.44 31.61 -14.85
C ASP B 104 -2.81 32.90 -14.35
N TYR B 105 -3.11 33.22 -13.09
CA TYR B 105 -2.51 34.41 -12.47
C TYR B 105 -1.07 34.16 -12.04
N SER B 106 -0.72 32.91 -11.74
CA SER B 106 0.57 32.57 -11.14
C SER B 106 1.55 32.15 -12.23
N ASP B 107 2.67 32.88 -12.34
CA ASP B 107 3.67 32.55 -13.35
C ASP B 107 4.29 31.19 -13.09
N GLN B 108 4.47 30.83 -11.81
CA GLN B 108 5.02 29.52 -11.46
C GLN B 108 4.12 28.39 -11.94
N ASN B 109 2.80 28.58 -11.89
CA ASN B 109 1.88 27.58 -12.41
C ASN B 109 2.06 27.39 -13.92
N LEU B 110 2.15 28.51 -14.66
CA LEU B 110 2.29 28.43 -16.11
C LEU B 110 3.61 27.76 -16.49
N GLN B 111 4.68 28.07 -15.75
CA GLN B 111 5.97 27.44 -16.03
C GLN B 111 5.92 25.93 -15.83
N GLU B 112 5.29 25.48 -14.74
CA GLU B 112 5.10 24.06 -14.52
C GLU B 112 4.30 23.44 -15.66
N LEU B 113 3.27 24.14 -16.12
CA LEU B 113 2.50 23.67 -17.26
C LEU B 113 3.37 23.63 -18.52
N GLU B 114 4.17 24.68 -18.75
CA GLU B 114 5.01 24.72 -19.94
C GLU B 114 6.03 23.59 -19.96
N LYS B 115 6.50 23.15 -18.78
CA LYS B 115 7.38 21.99 -18.71
C LYS B 115 6.72 20.76 -19.34
N TRP B 116 5.43 20.56 -19.10
CA TRP B 116 4.74 19.43 -19.71
C TRP B 116 4.54 19.66 -21.21
N LEU B 117 4.17 20.88 -21.60
CA LEU B 117 3.98 21.15 -23.02
C LEU B 117 5.24 20.87 -23.81
N LYS B 118 6.41 21.28 -23.29
CA LYS B 118 7.68 20.97 -23.92
C LYS B 118 8.12 19.52 -23.70
N ALA B 119 7.38 18.76 -22.89
CA ALA B 119 7.71 17.36 -22.57
C ALA B 119 9.06 17.24 -21.88
N ALA B 120 9.34 18.15 -20.95
CA ALA B 120 10.56 18.06 -20.16
C ALA B 120 10.52 16.80 -19.30
N PRO B 121 11.65 16.10 -19.12
CA PRO B 121 11.65 14.91 -18.27
C PRO B 121 11.23 15.17 -16.83
N ALA B 122 11.33 16.41 -16.37
CA ALA B 122 10.94 16.76 -15.01
C ALA B 122 9.48 17.17 -14.89
N ALA B 123 8.73 17.15 -15.99
CA ALA B 123 7.31 17.50 -15.95
C ALA B 123 6.52 16.46 -15.16
N PHE B 124 5.35 16.88 -14.68
CA PHE B 124 4.44 15.96 -14.00
C PHE B 124 3.97 14.87 -14.95
N ASP B 125 3.77 13.67 -14.42
CA ASP B 125 3.35 12.52 -15.22
C ASP B 125 1.82 12.49 -15.26
N TRP B 126 1.25 12.89 -16.38
CA TRP B 126 -0.19 12.87 -16.58
C TRP B 126 -0.69 11.59 -17.25
N SER B 127 0.21 10.65 -17.56
CA SER B 127 -0.17 9.51 -18.39
C SER B 127 -1.33 8.68 -17.84
N PRO B 128 -1.46 8.44 -16.52
CA PRO B 128 -2.67 7.73 -16.06
C PRO B 128 -3.95 8.50 -16.32
N VAL B 129 -3.91 9.83 -16.25
CA VAL B 129 -5.08 10.63 -16.56
C VAL B 129 -5.37 10.62 -18.05
N VAL B 130 -4.31 10.72 -18.87
CA VAL B 130 -4.48 10.65 -20.33
C VAL B 130 -5.10 9.32 -20.73
N THR B 131 -4.66 8.22 -20.10
CA THR B 131 -5.19 6.91 -20.43
C THR B 131 -6.69 6.82 -20.10
N TYR B 132 -7.07 7.32 -18.93
CA TYR B 132 -8.49 7.34 -18.55
C TYR B 132 -9.34 8.06 -19.60
N VAL B 133 -8.87 9.23 -20.06
CA VAL B 133 -9.65 9.99 -21.04
C VAL B 133 -9.74 9.25 -22.36
N CYS B 134 -8.61 8.69 -22.82
CA CYS B 134 -8.62 7.89 -24.05
C CYS B 134 -9.61 6.74 -23.94
N ASP B 135 -9.69 6.11 -22.77
CA ASP B 135 -10.68 5.05 -22.56
C ASP B 135 -12.09 5.59 -22.72
N LEU B 136 -12.38 6.74 -22.09
CA LEU B 136 -13.70 7.33 -22.15
C LEU B 136 -14.13 7.56 -23.60
N GLU B 137 -13.22 8.07 -24.42
CA GLU B 137 -13.51 8.44 -25.80
C GLU B 137 -13.44 7.25 -26.77
N GLY B 138 -13.43 6.02 -26.26
CA GLY B 138 -13.50 4.85 -27.10
C GLY B 138 -12.20 4.33 -27.68
N ASN B 139 -11.06 4.67 -27.07
CA ASN B 139 -9.75 4.13 -27.46
C ASN B 139 -9.48 4.33 -28.96
N ARG B 140 -9.95 5.44 -29.53
CA ARG B 140 -9.61 5.75 -30.91
C ARG B 140 -8.13 6.06 -31.08
N VAL B 141 -7.49 6.59 -30.04
CA VAL B 141 -6.06 6.88 -30.04
C VAL B 141 -5.46 6.43 -28.72
N LYS B 142 -4.14 6.28 -28.71
CA LYS B 142 -3.39 5.94 -27.52
C LYS B 142 -2.86 7.21 -26.86
N GLY B 143 -2.31 7.03 -25.66
CA GLY B 143 -1.83 8.12 -24.84
C GLY B 143 -0.92 9.11 -25.53
N PRO B 144 0.20 8.64 -26.11
CA PRO B 144 1.13 9.59 -26.77
C PRO B 144 0.48 10.42 -27.86
N GLU B 145 -0.34 9.80 -28.71
CA GLU B 145 -1.03 10.56 -29.75
C GLU B 145 -1.99 11.56 -29.13
N LYS B 146 -2.63 11.20 -28.02
CA LYS B 146 -3.54 12.12 -27.35
C LYS B 146 -2.78 13.32 -26.78
N GLU B 147 -1.65 13.07 -26.11
CA GLU B 147 -0.84 14.15 -25.57
C GLU B 147 -0.34 15.07 -26.69
N GLU B 148 0.04 14.49 -27.84
CA GLU B 148 0.51 15.31 -28.95
C GLU B 148 -0.63 16.15 -29.52
N LYS B 149 -1.86 15.64 -29.48
CA LYS B 149 -3.01 16.44 -29.88
C LYS B 149 -3.16 17.67 -28.99
N LEU B 150 -2.97 17.51 -27.68
CA LEU B 150 -3.11 18.63 -26.77
C LEU B 150 -1.95 19.62 -26.91
N ARG B 151 -0.72 19.10 -26.97
CA ARG B 151 0.43 19.98 -27.14
C ARG B 151 0.33 20.82 -28.41
N GLN B 152 -0.15 20.22 -29.50
CA GLN B 152 -0.33 20.97 -30.73
C GLN B 152 -1.44 22.01 -30.56
N ALA B 153 -2.48 21.67 -29.80
CA ALA B 153 -3.64 22.55 -29.69
C ALA B 153 -3.37 23.78 -28.84
N VAL B 154 -2.50 23.66 -27.83
CA VAL B 154 -2.25 24.79 -26.93
C VAL B 154 -1.40 25.81 -27.68
N LYS B 155 -1.99 26.96 -27.99
CA LYS B 155 -1.32 27.96 -28.82
C LYS B 155 -0.59 29.02 -28.01
N GLN B 156 -1.11 29.38 -26.83
CA GLN B 156 -0.50 30.42 -26.02
C GLN B 156 -0.63 30.09 -24.54
N VAL B 157 0.29 30.65 -23.75
CA VAL B 157 0.30 30.51 -22.30
C VAL B 157 0.40 31.93 -21.75
N LEU B 158 -0.71 32.44 -21.18
CA LEU B 158 -0.84 33.84 -20.88
C LEU B 158 -1.18 34.07 -19.41
N LYS B 159 -0.91 35.29 -18.95
CA LYS B 159 -1.33 35.74 -17.63
C LYS B 159 -2.78 36.19 -17.65
N CYS B 160 -3.52 35.84 -16.59
CA CYS B 160 -4.91 36.26 -16.46
C CYS B 160 -5.19 36.71 -15.02
N ASP B 161 -6.15 37.62 -14.90
CA ASP B 161 -6.60 38.13 -13.60
C ASP B 161 -8.11 38.35 -13.72
N VAL B 162 -8.90 37.46 -13.11
CA VAL B 162 -10.35 37.51 -13.28
C VAL B 162 -10.98 38.75 -12.68
N THR B 163 -10.28 39.44 -11.78
CA THR B 163 -10.77 40.66 -11.17
C THR B 163 -10.62 41.88 -12.08
N GLN B 164 -9.98 41.72 -13.22
CA GLN B 164 -9.73 42.81 -14.15
C GLN B 164 -10.79 42.81 -15.23
N SER B 165 -11.23 44.01 -15.64
CA SER B 165 -12.22 44.10 -16.72
C SER B 165 -11.71 43.41 -17.98
N GLN B 166 -10.40 43.52 -18.23
CA GLN B 166 -9.71 42.84 -19.32
C GLN B 166 -8.89 41.71 -18.69
N PRO B 167 -9.47 40.53 -18.48
CA PRO B 167 -8.76 39.49 -17.72
C PRO B 167 -7.44 39.05 -18.35
N LEU B 168 -7.30 39.16 -19.68
CA LEU B 168 -6.07 38.79 -20.36
C LEU B 168 -5.23 40.00 -20.76
N GLY B 169 -5.41 41.13 -20.08
CA GLY B 169 -4.68 42.32 -20.46
C GLY B 169 -4.99 42.75 -21.88
N ALA B 170 -3.97 43.24 -22.56
CA ALA B 170 -4.12 43.75 -23.93
C ALA B 170 -3.95 42.69 -25.00
N VAL B 171 -3.64 41.45 -24.62
CA VAL B 171 -3.35 40.39 -25.59
C VAL B 171 -4.51 40.25 -26.57
N PRO B 172 -4.26 40.38 -27.88
CA PRO B 172 -5.36 40.34 -28.86
C PRO B 172 -5.72 38.90 -29.19
N LEU B 173 -7.00 38.58 -29.03
CA LEU B 173 -7.57 37.28 -29.34
C LEU B 173 -8.97 37.52 -29.89
N PRO B 174 -9.40 36.72 -30.86
CA PRO B 174 -10.79 36.81 -31.31
C PRO B 174 -11.72 36.42 -30.19
N PRO B 175 -12.97 36.89 -30.21
CA PRO B 175 -13.96 36.40 -29.25
C PRO B 175 -13.98 34.87 -29.25
N ALA B 176 -13.92 34.28 -28.06
CA ALA B 176 -13.76 32.85 -27.96
C ALA B 176 -15.09 32.13 -28.12
N ASP B 177 -15.01 30.88 -28.58
CA ASP B 177 -16.19 30.03 -28.66
C ASP B 177 -16.54 29.43 -27.29
N CYS B 178 -15.56 29.27 -26.41
CA CYS B 178 -15.79 28.67 -25.11
C CYS B 178 -14.76 29.20 -24.12
N VAL B 179 -15.22 29.58 -22.94
CA VAL B 179 -14.37 29.87 -21.80
C VAL B 179 -14.55 28.75 -20.77
N LEU B 180 -13.44 28.17 -20.34
CA LEU B 180 -13.44 27.08 -19.38
C LEU B 180 -12.68 27.52 -18.13
N SER B 181 -13.21 27.15 -16.97
CA SER B 181 -12.57 27.49 -15.70
C SER B 181 -12.92 26.41 -14.68
N THR B 182 -11.90 25.67 -14.23
CA THR B 182 -12.08 24.58 -13.27
C THR B 182 -11.35 24.92 -11.98
N LEU B 183 -12.08 24.88 -10.87
CA LEU B 183 -11.50 25.04 -9.53
C LEU B 183 -10.74 26.36 -9.37
N CYS B 184 -11.17 27.38 -10.10
CA CYS B 184 -10.49 28.67 -10.11
C CYS B 184 -11.26 29.76 -9.39
N LEU B 185 -12.55 29.94 -9.73
CA LEU B 185 -13.28 31.11 -9.28
C LEU B 185 -13.47 31.11 -7.76
N ASP B 186 -13.73 29.94 -7.17
CA ASP B 186 -13.81 29.85 -5.71
C ASP B 186 -12.54 30.37 -5.06
N ALA B 187 -11.38 30.01 -5.60
CA ALA B 187 -10.12 30.41 -5.01
C ALA B 187 -9.74 31.85 -5.34
N ALA B 188 -10.29 32.41 -6.41
CA ALA B 188 -9.88 33.72 -6.90
C ALA B 188 -10.79 34.86 -6.49
N CYS B 189 -12.00 34.56 -6.00
CA CYS B 189 -12.98 35.61 -5.69
C CYS B 189 -13.24 35.65 -4.19
N PRO B 190 -12.81 36.71 -3.49
CA PRO B 190 -12.98 36.72 -2.02
C PRO B 190 -14.40 36.97 -1.56
N ASP B 191 -15.31 37.40 -2.42
CA ASP B 191 -16.68 37.64 -2.01
C ASP B 191 -17.60 37.51 -3.21
N LEU B 192 -18.90 37.49 -2.93
CA LEU B 192 -19.90 37.31 -3.99
C LEU B 192 -19.91 38.45 -4.99
N PRO B 193 -19.77 39.73 -4.61
CA PRO B 193 -19.68 40.78 -5.64
C PRO B 193 -18.50 40.59 -6.57
N THR B 194 -17.33 40.23 -6.04
CA THR B 194 -16.19 39.89 -6.90
C THR B 194 -16.50 38.69 -7.79
N TYR B 195 -17.17 37.68 -7.22
CA TYR B 195 -17.54 36.50 -8.00
C TYR B 195 -18.37 36.88 -9.21
N CYS B 196 -19.39 37.72 -9.01
CA CYS B 196 -20.21 38.16 -10.13
CA CYS B 196 -20.21 38.16 -10.13
C CYS B 196 -19.41 39.02 -11.09
N ARG B 197 -18.48 39.84 -10.56
CA ARG B 197 -17.61 40.62 -11.42
C ARG B 197 -16.73 39.72 -12.27
N ALA B 198 -16.20 38.65 -11.68
CA ALA B 198 -15.34 37.74 -12.43
C ALA B 198 -16.10 37.06 -13.56
N LEU B 199 -17.34 36.64 -13.29
CA LEU B 199 -18.13 36.00 -14.34
C LEU B 199 -18.43 36.97 -15.46
N ARG B 200 -18.64 38.25 -15.13
CA ARG B 200 -18.85 39.26 -16.16
C ARG B 200 -17.56 39.56 -16.91
N ASN B 201 -16.42 39.59 -16.22
CA ASN B 201 -15.14 39.82 -16.89
C ASN B 201 -14.81 38.71 -17.87
N LEU B 202 -15.03 37.44 -17.46
CA LEU B 202 -14.80 36.33 -18.38
C LEU B 202 -15.68 36.43 -19.61
N GLY B 203 -16.91 36.92 -19.45
CA GLY B 203 -17.81 37.04 -20.58
C GLY B 203 -17.32 37.99 -21.66
N SER B 204 -16.47 38.96 -21.29
CA SER B 204 -15.89 39.86 -22.28
C SER B 204 -15.03 39.12 -23.29
N LEU B 205 -14.54 37.93 -22.94
CA LEU B 205 -13.73 37.11 -23.82
C LEU B 205 -14.57 36.23 -24.75
N LEU B 206 -15.89 36.24 -24.60
CA LEU B 206 -16.77 35.28 -25.23
C LEU B 206 -17.57 35.94 -26.34
N LYS B 207 -17.67 35.24 -27.48
CA LYS B 207 -18.60 35.64 -28.52
C LYS B 207 -20.03 35.57 -27.97
N PRO B 208 -20.96 36.31 -28.58
CA PRO B 208 -22.38 36.09 -28.26
C PRO B 208 -22.77 34.65 -28.55
N GLY B 209 -23.53 34.06 -27.62
CA GLY B 209 -23.88 32.67 -27.71
C GLY B 209 -22.78 31.70 -27.35
N GLY B 210 -21.60 32.17 -26.97
CA GLY B 210 -20.51 31.29 -26.62
C GLY B 210 -20.75 30.55 -25.32
N PHE B 211 -19.93 29.53 -25.09
CA PHE B 211 -20.11 28.60 -23.99
C PHE B 211 -19.24 28.99 -22.80
N LEU B 212 -19.86 29.03 -21.62
CA LEU B 212 -19.14 29.17 -20.36
C LEU B 212 -19.22 27.84 -19.62
N VAL B 213 -18.07 27.26 -19.33
CA VAL B 213 -17.99 25.96 -18.65
C VAL B 213 -17.25 26.17 -17.33
N ILE B 214 -17.95 25.98 -16.22
CA ILE B 214 -17.39 26.16 -14.88
C ILE B 214 -17.54 24.87 -14.10
N MET B 215 -16.47 24.48 -13.42
CA MET B 215 -16.51 23.39 -12.45
C MET B 215 -15.74 23.85 -11.21
N ASP B 216 -16.36 23.73 -10.04
CA ASP B 216 -15.76 24.29 -8.85
C ASP B 216 -16.37 23.61 -7.62
N ALA B 217 -15.78 23.89 -6.46
CA ALA B 217 -16.22 23.28 -5.22
C ALA B 217 -17.49 23.94 -4.69
N LEU B 218 -18.25 23.17 -3.93
CA LEU B 218 -19.47 23.64 -3.29
C LEU B 218 -19.27 23.72 -1.78
N LYS B 219 -19.75 24.81 -1.19
CA LYS B 219 -19.72 25.02 0.26
C LYS B 219 -18.32 24.77 0.81
N SER B 220 -17.33 25.41 0.19
CA SER B 220 -15.94 25.21 0.55
C SER B 220 -15.36 26.54 0.99
N SER B 221 -14.75 26.55 2.18
CA SER B 221 -14.15 27.76 2.73
C SER B 221 -12.64 27.78 2.61
N TYR B 222 -12.02 26.65 2.27
CA TYR B 222 -10.57 26.55 2.15
C TYR B 222 -10.21 25.25 1.45
N TYR B 223 -8.97 25.18 1.00
CA TYR B 223 -8.39 23.92 0.56
C TYR B 223 -6.92 23.91 0.97
N MET B 224 -6.38 22.71 1.11
CA MET B 224 -5.04 22.51 1.66
C MET B 224 -4.10 21.94 0.61
N ILE B 225 -2.89 22.50 0.56
CA ILE B 225 -1.76 21.89 -0.13
C ILE B 225 -0.73 21.60 0.94
N GLY B 226 -0.68 20.36 1.40
CA GLY B 226 0.14 20.05 2.57
C GLY B 226 -0.41 20.79 3.77
N GLU B 227 0.47 21.52 4.46
CA GLU B 227 0.08 22.34 5.59
C GLU B 227 -0.28 23.77 5.19
N GLN B 228 -0.26 24.06 3.90
CA GLN B 228 -0.58 25.40 3.40
C GLN B 228 -2.07 25.52 3.11
N LYS B 229 -2.69 26.57 3.64
CA LYS B 229 -4.12 26.82 3.51
C LYS B 229 -4.36 27.97 2.54
N PHE B 230 -5.39 27.81 1.71
CA PHE B 230 -5.86 28.88 0.82
C PHE B 230 -7.35 29.06 1.03
N SER B 231 -7.79 30.31 0.91
CA SER B 231 -9.19 30.60 1.12
C SER B 231 -10.01 30.10 -0.06
N SER B 232 -11.28 29.84 0.19
CA SER B 232 -12.21 29.47 -0.87
C SER B 232 -13.55 30.12 -0.56
N LEU B 233 -14.14 30.74 -1.57
CA LEU B 233 -15.45 31.36 -1.39
C LEU B 233 -16.50 30.28 -1.23
N PRO B 234 -17.18 30.19 -0.08
CA PRO B 234 -18.17 29.13 0.15
C PRO B 234 -19.49 29.44 -0.52
N LEU B 235 -19.77 28.75 -1.63
CA LEU B 235 -20.99 28.94 -2.41
C LEU B 235 -21.86 27.69 -2.38
N GLY B 236 -23.14 27.90 -2.13
CA GLY B 236 -24.12 26.87 -2.37
C GLY B 236 -24.60 26.92 -3.81
N ARG B 237 -25.18 25.82 -4.26
CA ARG B 237 -25.57 25.71 -5.67
C ARG B 237 -26.51 26.84 -6.09
N GLU B 238 -27.45 27.23 -5.22
CA GLU B 238 -28.37 28.30 -5.57
CA GLU B 238 -28.37 28.30 -5.58
C GLU B 238 -27.65 29.63 -5.74
N ALA B 239 -26.58 29.86 -4.98
CA ALA B 239 -25.80 31.08 -5.16
C ALA B 239 -25.05 31.06 -6.49
N VAL B 240 -24.46 29.92 -6.84
CA VAL B 240 -23.74 29.80 -8.11
C VAL B 240 -24.67 30.06 -9.28
N GLU B 241 -25.82 29.39 -9.31
CA GLU B 241 -26.75 29.57 -10.42
C GLU B 241 -27.24 31.02 -10.52
N ALA B 242 -27.55 31.63 -9.38
CA ALA B 242 -28.03 33.01 -9.40
C ALA B 242 -26.98 33.96 -9.94
N ALA B 243 -25.72 33.80 -9.50
CA ALA B 243 -24.66 34.68 -9.96
C ALA B 243 -24.45 34.56 -11.47
N VAL B 244 -24.49 33.33 -12.00
CA VAL B 244 -24.24 33.12 -13.42
C VAL B 244 -25.34 33.76 -14.26
N LYS B 245 -26.61 33.55 -13.88
CA LYS B 245 -27.71 34.18 -14.60
C LYS B 245 -27.61 35.70 -14.52
N GLU B 246 -27.30 36.23 -13.34
CA GLU B 246 -27.17 37.68 -13.19
C GLU B 246 -26.03 38.23 -14.05
N ALA B 247 -24.98 37.44 -14.26
CA ALA B 247 -23.83 37.90 -15.04
C ALA B 247 -24.07 37.90 -16.54
N GLY B 248 -25.27 37.54 -16.99
CA GLY B 248 -25.60 37.61 -18.40
C GLY B 248 -25.52 36.29 -19.15
N TYR B 249 -25.77 35.17 -18.50
CA TYR B 249 -25.75 33.86 -19.15
C TYR B 249 -27.08 33.16 -18.95
N THR B 250 -27.35 32.22 -19.85
CA THR B 250 -28.44 31.27 -19.67
C THR B 250 -27.82 29.90 -19.41
N ILE B 251 -28.23 29.26 -18.33
CA ILE B 251 -27.60 28.00 -17.93
C ILE B 251 -28.23 26.87 -18.73
N GLU B 252 -27.40 26.10 -19.42
CA GLU B 252 -27.87 24.97 -20.20
C GLU B 252 -27.81 23.65 -19.45
N TRP B 253 -26.89 23.48 -18.51
CA TRP B 253 -27.00 22.34 -17.62
C TRP B 253 -26.18 22.61 -16.38
N PHE B 254 -26.62 22.02 -15.27
CA PHE B 254 -26.02 22.23 -13.96
C PHE B 254 -26.02 20.90 -13.24
N GLU B 255 -24.85 20.46 -12.80
CA GLU B 255 -24.74 19.18 -12.11
C GLU B 255 -24.07 19.39 -10.76
N VAL B 256 -24.54 18.65 -9.77
CA VAL B 256 -24.00 18.68 -8.42
C VAL B 256 -23.68 17.27 -8.00
N ILE B 257 -22.48 17.05 -7.49
CA ILE B 257 -22.08 15.77 -6.92
C ILE B 257 -21.72 16.03 -5.46
N SER B 258 -22.10 15.09 -4.59
CA SER B 258 -21.90 15.29 -3.16
C SER B 258 -20.52 14.88 -2.70
N GLN B 259 -19.79 14.11 -3.52
CA GLN B 259 -18.45 13.69 -3.17
C GLN B 259 -17.54 14.86 -2.85
N SER B 260 -16.84 14.76 -1.73
CA SER B 260 -15.98 15.81 -1.22
C SER B 260 -14.53 15.31 -1.16
N TYR B 261 -13.61 16.25 -1.12
CA TYR B 261 -12.21 15.91 -0.93
C TYR B 261 -11.99 15.32 0.47
N SER B 262 -10.87 14.63 0.63
CA SER B 262 -10.50 14.12 1.95
C SER B 262 -10.38 15.25 2.95
N SER B 263 -10.68 14.94 4.22
CA SER B 263 -10.75 15.96 5.26
C SER B 263 -9.41 16.66 5.48
N THR B 264 -8.30 15.97 5.24
CA THR B 264 -6.99 16.59 5.33
C THR B 264 -6.75 17.66 4.26
N MET B 265 -7.65 17.80 3.29
CA MET B 265 -7.41 18.69 2.16
C MET B 265 -8.44 19.80 2.00
N ALA B 266 -9.71 19.54 2.25
CA ALA B 266 -10.71 20.60 2.15
C ALA B 266 -11.97 20.19 2.90
N ASN B 267 -12.87 21.16 3.05
N ASN B 267 -12.87 21.14 3.11
CA ASN B 267 -14.15 21.01 3.74
CA ASN B 267 -14.16 20.84 3.71
C ASN B 267 -15.34 21.16 2.80
C ASN B 267 -15.29 21.26 2.78
N ASN B 268 -15.12 20.99 1.49
CA ASN B 268 -16.17 21.24 0.53
C ASN B 268 -17.33 20.27 0.71
N GLU B 269 -18.51 20.70 0.28
CA GLU B 269 -19.67 19.82 0.20
C GLU B 269 -19.95 19.53 -1.27
N GLY B 270 -19.07 18.71 -1.86
CA GLY B 270 -19.19 18.34 -3.24
C GLY B 270 -18.69 19.41 -4.20
N LEU B 271 -19.02 19.18 -5.48
CA LEU B 271 -18.61 20.07 -6.56
C LEU B 271 -19.78 20.25 -7.52
N PHE B 272 -19.69 21.29 -8.33
CA PHE B 272 -20.67 21.54 -9.38
C PHE B 272 -19.98 21.67 -10.73
N SER B 273 -20.72 21.30 -11.78
CA SER B 273 -20.32 21.54 -13.15
C SER B 273 -21.49 22.20 -13.88
N LEU B 274 -21.20 23.22 -14.69
CA LEU B 274 -22.25 23.88 -15.44
C LEU B 274 -21.75 24.28 -16.81
N VAL B 275 -22.68 24.32 -17.77
CA VAL B 275 -22.47 24.91 -19.08
C VAL B 275 -23.54 25.96 -19.28
N ALA B 276 -23.11 27.19 -19.52
CA ALA B 276 -24.02 28.28 -19.81
C ALA B 276 -23.67 28.90 -21.15
N ARG B 277 -24.61 29.64 -21.71
CA ARG B 277 -24.39 30.37 -22.94
C ARG B 277 -24.50 31.86 -22.67
N LYS B 278 -23.52 32.61 -23.14
CA LYS B 278 -23.55 34.06 -22.98
C LYS B 278 -24.70 34.63 -23.79
N LEU B 279 -25.48 35.51 -23.19
CA LEU B 279 -26.53 36.18 -23.93
C LEU B 279 -25.88 37.24 -24.83
N SER B 280 -28.32 38.10 -26.35
CA SER B 280 -27.41 38.90 -27.17
C SER B 280 -27.08 40.22 -26.48
N PHE C 24 -5.35 -40.08 -15.50
CA PHE C 24 -5.55 -38.66 -15.29
C PHE C 24 -7.04 -38.32 -15.22
N THR C 25 -7.42 -37.58 -14.18
CA THR C 25 -8.80 -37.17 -13.98
C THR C 25 -9.41 -36.60 -15.26
N SER C 26 -10.58 -37.14 -15.63
CA SER C 26 -11.30 -36.67 -16.80
C SER C 26 -12.18 -35.47 -16.44
N LYS C 27 -12.56 -34.73 -17.49
CA LYS C 27 -13.50 -33.62 -17.32
C LYS C 27 -14.76 -34.07 -16.57
N ASP C 28 -15.30 -35.23 -16.93
CA ASP C 28 -16.56 -35.67 -16.35
C ASP C 28 -16.41 -36.02 -14.88
N THR C 29 -15.20 -36.37 -14.43
CA THR C 29 -14.98 -36.61 -13.01
C THR C 29 -15.23 -35.37 -12.16
N TYR C 30 -15.01 -34.18 -12.72
CA TYR C 30 -15.27 -32.95 -11.97
C TYR C 30 -16.75 -32.66 -11.85
N LEU C 31 -17.55 -33.05 -12.84
CA LEU C 31 -18.99 -32.83 -12.77
C LEU C 31 -19.62 -33.65 -11.65
N SER C 32 -19.03 -34.80 -11.32
CA SER C 32 -19.64 -35.76 -10.40
C SER C 32 -18.97 -35.84 -9.04
N HIS C 33 -17.67 -35.57 -8.94
CA HIS C 33 -16.92 -35.79 -7.71
C HIS C 33 -16.31 -34.55 -7.08
N PHE C 34 -16.33 -33.40 -7.76
CA PHE C 34 -15.76 -32.18 -7.20
C PHE C 34 -16.80 -31.49 -6.33
N ASN C 35 -16.54 -31.42 -5.02
CA ASN C 35 -17.45 -30.80 -4.06
C ASN C 35 -17.02 -29.36 -3.81
N PRO C 36 -17.73 -28.36 -4.34
CA PRO C 36 -17.25 -26.97 -4.18
C PRO C 36 -17.10 -26.54 -2.73
N ARG C 37 -18.05 -26.93 -1.86
CA ARG C 37 -18.01 -26.47 -0.48
C ARG C 37 -16.89 -27.15 0.31
N ASP C 38 -16.61 -28.42 0.03
CA ASP C 38 -15.48 -29.07 0.68
C ASP C 38 -14.16 -28.41 0.29
N TYR C 39 -14.00 -28.11 -1.00
CA TYR C 39 -12.79 -27.43 -1.46
C TYR C 39 -12.60 -26.09 -0.77
N LEU C 40 -13.67 -25.29 -0.67
CA LEU C 40 -13.55 -23.98 -0.04
C LEU C 40 -13.18 -24.11 1.43
N GLU C 41 -13.82 -25.04 2.14
CA GLU C 41 -13.52 -25.21 3.57
C GLU C 41 -12.12 -25.75 3.79
N LYS C 42 -11.64 -26.63 2.90
CA LYS C 42 -10.32 -27.21 3.09
C LYS C 42 -9.21 -26.22 2.75
N TYR C 43 -9.43 -25.36 1.76
CA TYR C 43 -8.37 -24.53 1.21
C TYR C 43 -8.47 -23.05 1.55
N TYR C 44 -9.68 -22.53 1.85
CA TYR C 44 -9.85 -21.08 1.89
C TYR C 44 -10.56 -20.55 3.12
N LYS C 45 -10.61 -21.29 4.24
CA LYS C 45 -11.16 -20.67 5.44
C LYS C 45 -10.19 -19.65 6.04
N PHE C 46 -8.90 -19.75 5.73
CA PHE C 46 -7.94 -18.66 6.01
C PHE C 46 -7.84 -18.31 7.49
N GLY C 47 -7.57 -19.32 8.31
CA GLY C 47 -7.41 -19.08 9.73
C GLY C 47 -6.15 -18.28 10.06
N SER C 48 -5.92 -18.10 11.36
CA SER C 48 -4.80 -17.31 11.85
C SER C 48 -3.67 -18.13 12.44
N ARG C 49 -3.51 -19.38 12.02
CA ARG C 49 -2.49 -20.24 12.59
C ARG C 49 -1.33 -20.49 11.66
N HIS C 50 -1.32 -19.83 10.51
CA HIS C 50 -0.22 -19.88 9.55
C HIS C 50 -0.05 -21.29 8.97
N SER C 51 -1.17 -21.94 8.66
CA SER C 51 -1.13 -23.22 7.97
C SER C 51 -0.54 -23.04 6.57
N ALA C 52 -0.13 -24.15 5.95
CA ALA C 52 0.46 -24.07 4.62
C ALA C 52 -0.49 -23.46 3.59
N GLU C 53 -1.77 -23.85 3.65
CA GLU C 53 -2.75 -23.30 2.72
C GLU C 53 -2.94 -21.80 2.94
N SER C 54 -2.94 -21.37 4.20
CA SER C 54 -3.11 -19.95 4.49
C SER C 54 -1.91 -19.14 4.02
N GLN C 55 -0.70 -19.69 4.21
CA GLN C 55 0.49 -18.99 3.73
C GLN C 55 0.47 -18.83 2.22
N ILE C 56 0.02 -19.86 1.49
CA ILE C 56 -0.05 -19.77 0.03
C ILE C 56 -1.10 -18.75 -0.38
N LEU C 57 -2.28 -18.79 0.25
CA LEU C 57 -3.32 -17.83 -0.05
C LEU C 57 -2.82 -16.40 0.15
N LYS C 58 -2.13 -16.15 1.27
CA LYS C 58 -1.56 -14.82 1.50
C LYS C 58 -0.65 -14.40 0.35
N HIS C 59 0.19 -15.32 -0.13
CA HIS C 59 1.10 -14.96 -1.23
C HIS C 59 0.32 -14.71 -2.51
N LEU C 60 -0.68 -15.53 -2.81
CA LEU C 60 -1.51 -15.29 -3.99
C LEU C 60 -2.15 -13.91 -3.93
N LEU C 61 -2.69 -13.56 -2.77
CA LEU C 61 -3.33 -12.25 -2.62
C LEU C 61 -2.34 -11.11 -2.83
N LYS C 62 -1.13 -11.23 -2.28
CA LYS C 62 -0.13 -10.17 -2.45
C LYS C 62 0.28 -10.02 -3.90
N ASN C 63 0.45 -11.14 -4.62
CA ASN C 63 0.80 -11.06 -6.03
C ASN C 63 -0.34 -10.46 -6.84
N LEU C 64 -1.57 -10.93 -6.60
CA LEU C 64 -2.73 -10.34 -7.26
C LEU C 64 -2.83 -8.85 -6.98
N PHE C 65 -2.60 -8.45 -5.73
CA PHE C 65 -2.57 -7.03 -5.38
C PHE C 65 -1.46 -6.33 -6.14
N LYS C 66 -0.27 -6.93 -6.18
CA LYS C 66 0.87 -6.33 -6.86
C LYS C 66 0.59 -6.18 -8.35
N ILE C 67 -0.08 -7.17 -8.95
CA ILE C 67 -0.32 -7.17 -10.39
C ILE C 67 -1.37 -6.13 -10.76
N PHE C 68 -2.52 -6.13 -10.08
CA PHE C 68 -3.66 -5.35 -10.50
C PHE C 68 -3.75 -3.96 -9.87
N CYS C 69 -2.92 -3.66 -8.88
CA CYS C 69 -2.96 -2.36 -8.22
CA CYS C 69 -2.96 -2.36 -8.22
C CYS C 69 -1.67 -1.56 -8.36
N LEU C 70 -0.52 -2.21 -8.25
CA LEU C 70 0.75 -1.51 -8.32
C LEU C 70 1.31 -1.47 -9.74
N ASP C 71 1.24 -2.60 -10.46
CA ASP C 71 1.73 -2.69 -11.82
C ASP C 71 0.74 -2.18 -12.86
N GLY C 72 -0.43 -1.72 -12.43
CA GLY C 72 -1.40 -1.13 -13.34
C GLY C 72 -1.87 -2.02 -14.46
N VAL C 73 -1.95 -3.33 -14.23
CA VAL C 73 -2.62 -4.21 -15.18
C VAL C 73 -4.12 -3.94 -15.09
N LYS C 74 -4.67 -3.32 -16.13
CA LYS C 74 -6.04 -2.85 -16.07
C LYS C 74 -6.65 -2.89 -17.47
N GLY C 75 -7.97 -2.73 -17.52
CA GLY C 75 -8.66 -2.71 -18.79
C GLY C 75 -10.17 -2.78 -18.59
N ASP C 76 -10.86 -3.02 -19.71
CA ASP C 76 -12.31 -3.12 -19.72
C ASP C 76 -12.77 -4.49 -19.25
N LEU C 77 -12.26 -5.56 -19.87
CA LEU C 77 -12.78 -6.91 -19.68
C LEU C 77 -11.68 -7.83 -19.16
N LEU C 78 -11.93 -8.46 -18.03
CA LEU C 78 -11.12 -9.55 -17.52
C LEU C 78 -11.92 -10.84 -17.54
N ILE C 79 -11.36 -11.89 -18.12
CA ILE C 79 -11.97 -13.22 -18.10
C ILE C 79 -11.15 -14.09 -17.16
N ASP C 80 -11.80 -14.61 -16.12
CA ASP C 80 -11.16 -15.54 -15.20
C ASP C 80 -11.51 -16.95 -15.64
N ILE C 81 -10.49 -17.75 -15.92
CA ILE C 81 -10.66 -19.08 -16.47
C ILE C 81 -10.43 -20.10 -15.36
N GLY C 82 -11.39 -21.01 -15.18
CA GLY C 82 -11.28 -22.02 -14.15
C GLY C 82 -11.41 -21.43 -12.76
N SER C 83 -12.32 -20.47 -12.57
CA SER C 83 -12.50 -19.82 -11.27
C SER C 83 -12.80 -20.82 -10.17
N GLY C 84 -13.39 -21.96 -10.51
CA GLY C 84 -13.98 -22.84 -9.53
C GLY C 84 -15.02 -22.10 -8.70
N PRO C 85 -15.08 -22.40 -7.40
CA PRO C 85 -16.01 -21.71 -6.51
C PRO C 85 -15.44 -20.51 -5.78
N THR C 86 -14.28 -20.00 -6.18
CA THR C 86 -13.57 -18.98 -5.42
C THR C 86 -13.74 -17.59 -6.03
N ILE C 87 -13.62 -16.58 -5.17
CA ILE C 87 -13.61 -15.18 -5.59
C ILE C 87 -12.36 -14.44 -5.14
N TYR C 88 -11.51 -15.07 -4.31
CA TYR C 88 -10.33 -14.39 -3.78
C TYR C 88 -9.48 -13.80 -4.90
N GLN C 89 -9.37 -14.49 -6.04
CA GLN C 89 -8.51 -14.04 -7.12
C GLN C 89 -9.09 -12.86 -7.88
N LEU C 90 -10.27 -12.37 -7.50
CA LEU C 90 -10.90 -11.24 -8.16
C LEU C 90 -10.94 -9.98 -7.30
N LEU C 91 -10.50 -10.06 -6.04
CA LEU C 91 -10.74 -8.96 -5.10
C LEU C 91 -9.91 -7.74 -5.45
N SER C 92 -8.66 -7.94 -5.83
CA SER C 92 -7.88 -6.83 -6.35
C SER C 92 -8.21 -6.54 -7.81
N ALA C 93 -8.55 -7.58 -8.58
CA ALA C 93 -8.82 -7.39 -10.01
C ALA C 93 -10.02 -6.47 -10.25
N CYS C 94 -11.02 -6.51 -9.37
CA CYS C 94 -12.20 -5.68 -9.58
C CYS C 94 -11.92 -4.19 -9.36
N GLU C 95 -10.74 -3.84 -8.84
CA GLU C 95 -10.36 -2.44 -8.73
C GLU C 95 -9.94 -1.86 -10.08
N SER C 96 -9.47 -2.70 -11.01
CA SER C 96 -8.85 -2.22 -12.24
C SER C 96 -9.57 -2.62 -13.50
N PHE C 97 -10.62 -3.43 -13.43
CA PHE C 97 -11.34 -3.87 -14.62
C PHE C 97 -12.82 -3.59 -14.45
N LYS C 98 -13.43 -2.97 -15.47
CA LYS C 98 -14.83 -2.59 -15.38
C LYS C 98 -15.75 -3.80 -15.34
N GLU C 99 -15.42 -4.85 -16.08
CA GLU C 99 -16.25 -6.04 -16.16
C GLU C 99 -15.37 -7.28 -15.98
N ILE C 100 -15.87 -8.23 -15.20
CA ILE C 100 -15.18 -9.50 -14.95
C ILE C 100 -16.12 -10.63 -15.33
N VAL C 101 -15.64 -11.55 -16.15
CA VAL C 101 -16.39 -12.75 -16.52
C VAL C 101 -15.70 -13.95 -15.89
N VAL C 102 -16.43 -14.67 -15.04
CA VAL C 102 -15.90 -15.85 -14.35
C VAL C 102 -16.44 -17.09 -15.05
N THR C 103 -15.55 -18.05 -15.28
CA THR C 103 -15.90 -19.25 -16.03
C THR C 103 -15.32 -20.48 -15.34
N ASP C 104 -15.98 -21.61 -15.56
CA ASP C 104 -15.48 -22.89 -15.07
C ASP C 104 -16.14 -24.00 -15.86
N TYR C 105 -15.49 -25.16 -15.88
CA TYR C 105 -16.08 -26.34 -16.53
C TYR C 105 -17.14 -26.98 -15.67
N SER C 106 -17.02 -26.84 -14.35
CA SER C 106 -17.86 -27.55 -13.40
C SER C 106 -19.03 -26.66 -13.02
N ASP C 107 -20.25 -27.11 -13.34
CA ASP C 107 -21.44 -26.29 -13.11
C ASP C 107 -21.73 -26.11 -11.62
N GLN C 108 -21.48 -27.14 -10.81
CA GLN C 108 -21.71 -26.99 -9.37
C GLN C 108 -20.78 -25.94 -8.79
N ASN C 109 -19.55 -25.82 -9.32
CA ASN C 109 -18.67 -24.73 -8.91
C ASN C 109 -19.30 -23.38 -9.20
N LEU C 110 -19.88 -23.23 -10.39
CA LEU C 110 -20.52 -21.97 -10.75
C LEU C 110 -21.72 -21.68 -9.85
N GLN C 111 -22.47 -22.73 -9.48
CA GLN C 111 -23.61 -22.55 -8.60
CA GLN C 111 -23.61 -22.55 -8.60
C GLN C 111 -23.18 -22.07 -7.22
N GLU C 112 -22.09 -22.64 -6.69
CA GLU C 112 -21.56 -22.20 -5.41
C GLU C 112 -21.07 -20.77 -5.48
N LEU C 113 -20.42 -20.40 -6.58
CA LEU C 113 -19.96 -19.04 -6.79
C LEU C 113 -21.12 -18.06 -6.78
N GLU C 114 -22.19 -18.41 -7.51
CA GLU C 114 -23.33 -17.52 -7.64
C GLU C 114 -24.02 -17.25 -6.30
N LYS C 115 -23.98 -18.23 -5.38
CA LYS C 115 -24.51 -17.99 -4.03
C LYS C 115 -23.85 -16.79 -3.36
N TRP C 116 -22.53 -16.66 -3.52
CA TRP C 116 -21.85 -15.52 -2.91
C TRP C 116 -22.16 -14.23 -3.66
N LEU C 117 -22.19 -14.29 -5.00
CA LEU C 117 -22.55 -13.11 -5.78
C LEU C 117 -23.92 -12.57 -5.39
N LYS C 118 -24.88 -13.48 -5.15
CA LYS C 118 -26.21 -13.07 -4.71
C LYS C 118 -26.20 -12.60 -3.25
N ALA C 119 -25.08 -12.76 -2.55
CA ALA C 119 -24.98 -12.48 -1.12
C ALA C 119 -25.96 -13.35 -0.34
N ALA C 120 -26.10 -14.59 -0.76
CA ALA C 120 -26.95 -15.52 -0.03
C ALA C 120 -26.38 -15.75 1.36
N PRO C 121 -27.22 -15.77 2.40
CA PRO C 121 -26.71 -16.05 3.76
C PRO C 121 -26.05 -17.40 3.90
N ALA C 122 -26.36 -18.36 3.02
CA ALA C 122 -25.79 -19.69 3.06
C ALA C 122 -24.49 -19.80 2.26
N ALA C 123 -24.05 -18.72 1.62
CA ALA C 123 -22.81 -18.71 0.87
C ALA C 123 -21.60 -18.85 1.78
N PHE C 124 -20.49 -19.29 1.19
CA PHE C 124 -19.24 -19.37 1.91
C PHE C 124 -18.82 -17.99 2.41
N ASP C 125 -18.20 -17.95 3.59
CA ASP C 125 -17.80 -16.70 4.22
C ASP C 125 -16.38 -16.35 3.77
N TRP C 126 -16.28 -15.36 2.88
CA TRP C 126 -15.00 -14.86 2.40
C TRP C 126 -14.45 -13.69 3.21
N SER C 127 -15.17 -13.26 4.26
CA SER C 127 -14.80 -12.02 4.94
C SER C 127 -13.37 -11.98 5.48
N PRO C 128 -12.79 -13.05 6.03
CA PRO C 128 -11.37 -12.95 6.42
C PRO C 128 -10.45 -12.70 5.23
N VAL C 129 -10.78 -13.25 4.05
CA VAL C 129 -9.98 -12.97 2.86
C VAL C 129 -10.22 -11.54 2.39
N VAL C 130 -11.49 -11.10 2.42
CA VAL C 130 -11.81 -9.72 2.05
C VAL C 130 -11.09 -8.74 2.97
N THR C 131 -11.04 -9.06 4.27
CA THR C 131 -10.37 -8.19 5.22
C THR C 131 -8.89 -8.05 4.91
N TYR C 132 -8.22 -9.18 4.65
CA TYR C 132 -6.80 -9.15 4.29
C TYR C 132 -6.55 -8.27 3.07
N VAL C 133 -7.38 -8.41 2.03
CA VAL C 133 -7.17 -7.66 0.81
C VAL C 133 -7.37 -6.16 1.05
N CYS C 134 -8.43 -5.80 1.78
CA CYS C 134 -8.65 -4.41 2.12
C CYS C 134 -7.46 -3.83 2.88
N ASP C 135 -6.87 -4.61 3.79
CA ASP C 135 -5.68 -4.15 4.49
C ASP C 135 -4.52 -3.93 3.53
N LEU C 136 -4.28 -4.90 2.64
CA LEU C 136 -3.24 -4.75 1.61
C LEU C 136 -3.38 -3.44 0.86
N GLU C 137 -4.60 -3.08 0.49
CA GLU C 137 -4.87 -1.89 -0.31
C GLU C 137 -4.94 -0.62 0.53
N GLY C 138 -4.50 -0.66 1.79
CA GLY C 138 -4.42 0.53 2.61
C GLY C 138 -5.70 0.95 3.27
N ASN C 139 -6.67 0.04 3.42
CA ASN C 139 -7.93 0.31 4.13
C ASN C 139 -8.62 1.57 3.62
N ARG C 140 -8.50 1.83 2.32
CA ARG C 140 -9.23 2.95 1.72
C ARG C 140 -10.73 2.70 1.73
N VAL C 141 -11.15 1.43 1.71
CA VAL C 141 -12.55 1.05 1.73
C VAL C 141 -12.74 -0.05 2.77
N LYS C 142 -13.99 -0.24 3.17
CA LYS C 142 -14.32 -1.28 4.12
C LYS C 142 -14.76 -2.56 3.40
N GLY C 143 -14.89 -3.63 4.17
CA GLY C 143 -15.24 -4.94 3.66
C GLY C 143 -16.48 -4.94 2.76
N PRO C 144 -17.61 -4.47 3.29
CA PRO C 144 -18.83 -4.46 2.47
C PRO C 144 -18.69 -3.68 1.18
N GLU C 145 -18.02 -2.52 1.23
CA GLU C 145 -17.81 -1.74 0.00
C GLU C 145 -16.98 -2.52 -1.01
N LYS C 146 -15.98 -3.26 -0.54
CA LYS C 146 -15.18 -4.09 -1.44
C LYS C 146 -16.01 -5.22 -2.05
N GLU C 147 -16.77 -5.92 -1.22
CA GLU C 147 -17.60 -7.01 -1.73
C GLU C 147 -18.60 -6.51 -2.77
N GLU C 148 -19.19 -5.33 -2.53
CA GLU C 148 -20.14 -4.78 -3.49
C GLU C 148 -19.47 -4.37 -4.80
N LYS C 149 -18.22 -3.90 -4.74
CA LYS C 149 -17.49 -3.58 -5.95
C LYS C 149 -17.27 -4.82 -6.81
N LEU C 150 -16.97 -5.95 -6.19
CA LEU C 150 -16.75 -7.18 -6.95
C LEU C 150 -18.07 -7.70 -7.53
N ARG C 151 -19.13 -7.74 -6.72
CA ARG C 151 -20.42 -8.20 -7.21
C ARG C 151 -20.89 -7.36 -8.39
N GLN C 152 -20.66 -6.04 -8.35
CA GLN C 152 -21.02 -5.19 -9.47
C GLN C 152 -20.17 -5.51 -10.70
N ALA C 153 -18.89 -5.85 -10.49
CA ALA C 153 -17.99 -6.03 -11.63
C ALA C 153 -18.25 -7.34 -12.36
N VAL C 154 -18.67 -8.39 -11.65
CA VAL C 154 -18.86 -9.70 -12.27
C VAL C 154 -20.15 -9.65 -13.07
N LYS C 155 -20.02 -9.66 -14.40
CA LYS C 155 -21.16 -9.47 -15.29
C LYS C 155 -21.75 -10.77 -15.79
N GLN C 156 -20.93 -11.80 -15.99
CA GLN C 156 -21.38 -13.07 -16.56
C GLN C 156 -20.69 -14.21 -15.85
N VAL C 157 -21.38 -15.35 -15.80
CA VAL C 157 -20.87 -16.58 -15.21
C VAL C 157 -21.10 -17.68 -16.24
N LEU C 158 -20.03 -18.15 -16.87
CA LEU C 158 -20.15 -18.96 -18.08
C LEU C 158 -19.45 -20.30 -17.91
N LYS C 159 -19.85 -21.24 -18.76
CA LYS C 159 -19.18 -22.52 -18.89
C LYS C 159 -17.92 -22.35 -19.74
N CYS C 160 -16.83 -22.99 -19.33
CA CYS C 160 -15.60 -22.94 -20.11
C CYS C 160 -14.97 -24.32 -20.18
N ASP C 161 -14.25 -24.57 -21.28
CA ASP C 161 -13.52 -25.81 -21.48
C ASP C 161 -12.24 -25.42 -22.22
N VAL C 162 -11.12 -25.38 -21.49
CA VAL C 162 -9.87 -24.88 -22.06
C VAL C 162 -9.34 -25.79 -23.16
N THR C 163 -9.81 -27.03 -23.22
CA THR C 163 -9.38 -27.96 -24.27
C THR C 163 -10.07 -27.72 -25.60
N GLN C 164 -11.04 -26.80 -25.65
CA GLN C 164 -11.79 -26.51 -26.87
C GLN C 164 -11.20 -25.28 -27.55
N SER C 165 -11.21 -25.29 -28.89
CA SER C 165 -10.70 -24.17 -29.65
C SER C 165 -11.38 -22.86 -29.24
N GLN C 166 -12.68 -22.92 -28.99
CA GLN C 166 -13.43 -21.81 -28.41
C GLN C 166 -13.76 -22.17 -26.97
N PRO C 167 -12.89 -21.84 -26.02
CA PRO C 167 -13.06 -22.34 -24.64
C PRO C 167 -14.39 -21.94 -24.02
N LEU C 168 -15.01 -20.85 -24.47
CA LEU C 168 -16.30 -20.41 -23.96
C LEU C 168 -17.44 -20.77 -24.90
N GLY C 169 -17.24 -21.78 -25.76
CA GLY C 169 -18.26 -22.16 -26.72
C GLY C 169 -18.60 -21.02 -27.66
N ALA C 170 -19.88 -20.93 -28.02
CA ALA C 170 -20.35 -19.93 -28.97
C ALA C 170 -20.70 -18.61 -28.32
N VAL C 171 -20.62 -18.52 -27.00
CA VAL C 171 -21.01 -17.31 -26.26
C VAL C 171 -20.20 -16.12 -26.78
N PRO C 172 -20.84 -15.02 -27.19
CA PRO C 172 -20.11 -13.90 -27.78
C PRO C 172 -19.50 -12.97 -26.73
N LEU C 173 -18.21 -12.67 -26.89
CA LEU C 173 -17.53 -11.71 -26.03
C LEU C 173 -16.54 -10.89 -26.85
N PRO C 174 -16.41 -9.60 -26.57
CA PRO C 174 -15.36 -8.80 -27.20
C PRO C 174 -13.99 -9.27 -26.74
N PRO C 175 -12.94 -8.99 -27.52
CA PRO C 175 -11.59 -9.31 -27.07
C PRO C 175 -11.30 -8.74 -25.67
N ALA C 176 -10.77 -9.60 -24.81
CA ALA C 176 -10.54 -9.23 -23.42
C ALA C 176 -9.22 -8.49 -23.28
N ASP C 177 -9.15 -7.63 -22.25
CA ASP C 177 -7.89 -6.99 -21.91
C ASP C 177 -6.98 -7.91 -21.10
N CYS C 178 -7.57 -8.87 -20.38
CA CYS C 178 -6.79 -9.76 -19.53
C CYS C 178 -7.51 -11.08 -19.39
N VAL C 179 -6.77 -12.18 -19.53
CA VAL C 179 -7.23 -13.51 -19.15
C VAL C 179 -6.48 -13.92 -17.90
N LEU C 180 -7.22 -14.30 -16.87
CA LEU C 180 -6.65 -14.72 -15.60
C LEU C 180 -7.01 -16.16 -15.33
N SER C 181 -6.06 -16.92 -14.80
CA SER C 181 -6.29 -18.32 -14.47
C SER C 181 -5.39 -18.69 -13.30
N THR C 182 -6.01 -19.01 -12.16
CA THR C 182 -5.28 -19.39 -10.95
C THR C 182 -5.60 -20.84 -10.62
N LEU C 183 -4.55 -21.65 -10.49
CA LEU C 183 -4.67 -23.04 -10.02
C LEU C 183 -5.62 -23.87 -10.89
N CYS C 184 -5.71 -23.54 -12.18
CA CYS C 184 -6.64 -24.19 -13.08
C CYS C 184 -5.96 -25.12 -14.09
N LEU C 185 -4.96 -24.61 -14.82
CA LEU C 185 -4.46 -25.34 -15.99
C LEU C 185 -3.77 -26.65 -15.60
N ASP C 186 -3.06 -26.67 -14.46
CA ASP C 186 -2.48 -27.92 -13.99
C ASP C 186 -3.53 -29.00 -13.83
N ALA C 187 -4.70 -28.65 -13.30
CA ALA C 187 -5.75 -29.63 -13.07
C ALA C 187 -6.53 -29.98 -14.34
N ALA C 188 -6.52 -29.11 -15.35
CA ALA C 188 -7.36 -29.27 -16.53
C ALA C 188 -6.64 -29.87 -17.73
N CYS C 189 -5.32 -29.92 -17.73
CA CYS C 189 -4.57 -30.38 -18.90
C CYS C 189 -3.86 -31.70 -18.61
N PRO C 190 -4.30 -32.81 -19.21
CA PRO C 190 -3.71 -34.11 -18.84
C PRO C 190 -2.31 -34.35 -19.39
N ASP C 191 -1.82 -33.54 -20.32
CA ASP C 191 -0.48 -33.72 -20.84
C ASP C 191 0.02 -32.39 -21.39
N LEU C 192 1.32 -32.36 -21.70
CA LEU C 192 1.95 -31.12 -22.16
C LEU C 192 1.39 -30.60 -23.48
N PRO C 193 1.10 -31.42 -24.50
CA PRO C 193 0.47 -30.85 -25.71
C PRO C 193 -0.88 -30.21 -25.42
N THR C 194 -1.69 -30.82 -24.55
CA THR C 194 -2.95 -30.18 -24.15
C THR C 194 -2.69 -28.86 -23.44
N TYR C 195 -1.68 -28.82 -22.56
CA TYR C 195 -1.32 -27.58 -21.87
C TYR C 195 -0.97 -26.49 -22.87
N CYS C 196 -0.12 -26.80 -23.84
CA CYS C 196 0.22 -25.83 -24.87
C CYS C 196 -1.00 -25.46 -25.70
N ARG C 197 -1.83 -26.45 -26.03
CA ARG C 197 -3.08 -26.18 -26.74
C ARG C 197 -3.96 -25.21 -25.96
N ALA C 198 -4.06 -25.41 -24.65
CA ALA C 198 -4.93 -24.58 -23.82
C ALA C 198 -4.50 -23.13 -23.81
N LEU C 199 -3.18 -22.87 -23.72
CA LEU C 199 -2.71 -21.49 -23.73
C LEU C 199 -3.01 -20.81 -25.07
N ARG C 200 -2.95 -21.56 -26.16
CA ARG C 200 -3.32 -21.01 -27.47
C ARG C 200 -4.84 -20.77 -27.54
N ASN C 201 -5.62 -21.70 -27.00
CA ASN C 201 -7.07 -21.51 -26.97
C ASN C 201 -7.43 -20.28 -26.15
N LEU C 202 -6.76 -20.10 -25.00
CA LEU C 202 -7.01 -18.93 -24.17
C LEU C 202 -6.66 -17.64 -24.90
N GLY C 203 -5.60 -17.67 -25.72
CA GLY C 203 -5.21 -16.47 -26.45
C GLY C 203 -6.26 -15.97 -27.43
N SER C 204 -7.14 -16.87 -27.90
CA SER C 204 -8.20 -16.46 -28.80
C SER C 204 -9.17 -15.47 -28.15
N LEU C 205 -9.24 -15.45 -26.81
CA LEU C 205 -10.11 -14.53 -26.08
C LEU C 205 -9.48 -13.17 -25.82
N LEU C 206 -8.22 -12.97 -26.19
CA LEU C 206 -7.43 -11.84 -25.74
C LEU C 206 -7.17 -10.87 -26.88
N LYS C 207 -7.21 -9.57 -26.57
CA LYS C 207 -6.72 -8.58 -27.52
C LYS C 207 -5.25 -8.87 -27.85
N PRO C 208 -4.78 -8.45 -29.02
CA PRO C 208 -3.33 -8.40 -29.22
C PRO C 208 -2.72 -7.49 -28.17
N GLY C 209 -1.60 -7.94 -27.59
CA GLY C 209 -1.00 -7.21 -26.50
C GLY C 209 -1.71 -7.33 -25.17
N GLY C 210 -2.79 -8.10 -25.08
CA GLY C 210 -3.50 -8.25 -23.82
C GLY C 210 -2.70 -9.06 -22.82
N PHE C 211 -3.14 -9.01 -21.57
CA PHE C 211 -2.39 -9.58 -20.44
C PHE C 211 -2.89 -10.98 -20.12
N LEU C 212 -1.95 -11.91 -19.98
CA LEU C 212 -2.23 -13.25 -19.49
C LEU C 212 -1.60 -13.40 -18.11
N VAL C 213 -2.41 -13.72 -17.11
CA VAL C 213 -1.95 -13.85 -15.73
C VAL C 213 -2.23 -15.28 -15.27
N ILE C 214 -1.17 -16.03 -14.99
CA ILE C 214 -1.28 -17.42 -14.56
C ILE C 214 -0.61 -17.59 -13.20
N MET C 215 -1.29 -18.32 -12.30
CA MET C 215 -0.71 -18.75 -11.04
C MET C 215 -1.09 -20.21 -10.82
N ASP C 216 -0.09 -21.05 -10.56
CA ASP C 216 -0.35 -22.48 -10.48
C ASP C 216 0.78 -23.17 -9.72
N ALA C 217 0.55 -24.45 -9.42
CA ALA C 217 1.51 -25.26 -8.67
C ALA C 217 2.65 -25.74 -9.57
N LEU C 218 3.78 -26.02 -8.94
CA LEU C 218 4.95 -26.52 -9.64
C LEU C 218 5.21 -27.98 -9.26
N LYS C 219 5.49 -28.81 -10.27
CA LYS C 219 5.86 -30.21 -10.08
C LYS C 219 4.87 -30.93 -9.16
N SER C 220 3.59 -30.82 -9.51
CA SER C 220 2.50 -31.40 -8.72
C SER C 220 1.76 -32.40 -9.58
N SER C 221 1.57 -33.61 -9.04
CA SER C 221 0.86 -34.67 -9.74
C SER C 221 -0.57 -34.87 -9.27
N TYR C 222 -0.96 -34.24 -8.16
CA TYR C 222 -2.30 -34.44 -7.62
C TYR C 222 -2.58 -33.36 -6.58
N TYR C 223 -3.88 -33.23 -6.26
CA TYR C 223 -4.31 -32.48 -5.08
C TYR C 223 -5.52 -33.19 -4.48
N MET C 224 -5.73 -32.98 -3.18
CA MET C 224 -6.72 -33.71 -2.42
C MET C 224 -7.82 -32.79 -1.91
N ILE C 225 -9.06 -33.25 -2.03
CA ILE C 225 -10.20 -32.69 -1.31
C ILE C 225 -10.79 -33.82 -0.48
N GLY C 226 -10.45 -33.86 0.80
CA GLY C 226 -10.84 -35.00 1.62
C GLY C 226 -10.19 -36.27 1.11
N GLU C 227 -11.00 -37.30 0.90
CA GLU C 227 -10.50 -38.55 0.35
C GLU C 227 -10.55 -38.62 -1.16
N GLN C 228 -11.03 -37.55 -1.82
CA GLN C 228 -11.13 -37.52 -3.27
C GLN C 228 -9.86 -36.94 -3.85
N LYS C 229 -9.24 -37.65 -4.80
CA LYS C 229 -7.98 -37.21 -5.38
C LYS C 229 -8.21 -36.77 -6.82
N PHE C 230 -7.54 -35.68 -7.21
CA PHE C 230 -7.61 -35.16 -8.57
C PHE C 230 -6.20 -35.01 -9.14
N SER C 231 -6.08 -35.24 -10.43
CA SER C 231 -4.79 -35.20 -11.11
C SER C 231 -4.29 -33.77 -11.28
N SER C 232 -2.97 -33.65 -11.42
CA SER C 232 -2.32 -32.39 -11.74
C SER C 232 -1.16 -32.67 -12.68
N LEU C 233 -1.04 -31.88 -13.74
CA LEU C 233 0.09 -32.03 -14.65
C LEU C 233 1.36 -31.53 -13.98
N PRO C 234 2.36 -32.40 -13.73
CA PRO C 234 3.57 -31.97 -13.04
C PRO C 234 4.49 -31.19 -13.96
N LEU C 235 4.52 -29.87 -13.78
CA LEU C 235 5.27 -28.98 -14.66
C LEU C 235 6.34 -28.25 -13.86
N GLY C 236 7.55 -28.21 -14.41
CA GLY C 236 8.58 -27.32 -13.90
C GLY C 236 8.54 -25.96 -14.58
N ARG C 237 9.13 -24.96 -13.94
CA ARG C 237 9.07 -23.60 -14.46
C ARG C 237 9.63 -23.49 -15.87
N GLU C 238 10.59 -24.35 -16.23
CA GLU C 238 11.14 -24.32 -17.57
C GLU C 238 10.08 -24.73 -18.60
N ALA C 239 9.40 -25.85 -18.35
CA ALA C 239 8.35 -26.29 -19.26
C ALA C 239 7.24 -25.25 -19.38
N VAL C 240 6.83 -24.67 -18.25
CA VAL C 240 5.79 -23.64 -18.27
C VAL C 240 6.25 -22.46 -19.12
N GLU C 241 7.47 -21.98 -18.88
CA GLU C 241 8.00 -20.84 -19.61
C GLU C 241 8.04 -21.11 -21.11
N ALA C 242 8.54 -22.30 -21.50
CA ALA C 242 8.60 -22.64 -22.92
C ALA C 242 7.20 -22.73 -23.53
N ALA C 243 6.27 -23.37 -22.81
CA ALA C 243 4.92 -23.50 -23.32
C ALA C 243 4.26 -22.15 -23.53
N VAL C 244 4.49 -21.21 -22.60
CA VAL C 244 3.87 -19.88 -22.72
C VAL C 244 4.47 -19.13 -23.90
N LYS C 245 5.80 -19.16 -24.05
CA LYS C 245 6.43 -18.50 -25.19
C LYS C 245 5.97 -19.13 -26.50
N GLU C 246 5.95 -20.46 -26.56
CA GLU C 246 5.53 -21.16 -27.78
C GLU C 246 4.09 -20.86 -28.14
N ALA C 247 3.23 -20.63 -27.16
CA ALA C 247 1.82 -20.39 -27.41
C ALA C 247 1.52 -18.98 -27.91
N GLY C 248 2.54 -18.15 -28.10
CA GLY C 248 2.35 -16.84 -28.66
C GLY C 248 2.32 -15.69 -27.67
N TYR C 249 3.03 -15.76 -26.56
CA TYR C 249 3.09 -14.69 -25.58
C TYR C 249 4.54 -14.30 -25.33
N THR C 250 4.72 -13.07 -24.86
CA THR C 250 6.00 -12.61 -24.31
C THR C 250 5.85 -12.43 -22.81
N ILE C 251 6.76 -13.03 -22.05
CA ILE C 251 6.66 -13.01 -20.59
C ILE C 251 7.20 -11.69 -20.07
N GLU C 252 6.41 -11.00 -19.26
CA GLU C 252 6.82 -9.73 -18.68
C GLU C 252 7.51 -9.93 -17.33
N TRP C 253 7.06 -10.91 -16.55
CA TRP C 253 7.78 -11.37 -15.37
C TRP C 253 7.25 -12.71 -14.92
N PHE C 254 8.12 -13.46 -14.25
CA PHE C 254 7.87 -14.83 -13.83
C PHE C 254 8.44 -15.00 -12.43
N GLU C 255 7.61 -15.46 -11.49
CA GLU C 255 8.02 -15.63 -10.11
C GLU C 255 7.79 -17.08 -9.66
N VAL C 256 8.71 -17.59 -8.87
CA VAL C 256 8.63 -18.93 -8.30
C VAL C 256 8.83 -18.82 -6.80
N ILE C 257 7.93 -19.43 -6.04
CA ILE C 257 8.03 -19.52 -4.59
C ILE C 257 8.08 -20.98 -4.20
N SER C 258 8.85 -21.29 -3.15
CA SER C 258 9.07 -22.66 -2.74
C SER C 258 7.98 -23.19 -1.81
N GLN C 259 7.16 -22.30 -1.24
CA GLN C 259 6.11 -22.69 -0.31
C GLN C 259 5.19 -23.75 -0.94
N SER C 260 4.95 -24.83 -0.20
CA SER C 260 4.13 -25.93 -0.69
C SER C 260 2.94 -26.17 0.22
N TYR C 261 1.92 -26.81 -0.35
CA TYR C 261 0.78 -27.27 0.44
C TYR C 261 1.20 -28.44 1.33
N SER C 262 0.41 -28.68 2.37
CA SER C 262 0.60 -29.87 3.18
C SER C 262 0.40 -31.12 2.32
N SER C 263 1.12 -32.19 2.67
CA SER C 263 1.06 -33.40 1.86
C SER C 263 -0.34 -33.99 1.83
N THR C 264 -1.15 -33.72 2.86
CA THR C 264 -2.55 -34.12 2.85
C THR C 264 -3.35 -33.41 1.77
N MET C 265 -2.78 -32.40 1.12
CA MET C 265 -3.53 -31.60 0.17
C MET C 265 -2.91 -31.57 -1.23
N ALA C 266 -1.58 -31.50 -1.34
CA ALA C 266 -0.92 -31.54 -2.63
C ALA C 266 0.57 -31.83 -2.44
N ASN C 267 1.18 -32.43 -3.46
CA ASN C 267 2.60 -32.74 -3.45
C ASN C 267 3.41 -31.74 -4.27
N ASN C 268 2.94 -30.50 -4.38
CA ASN C 268 3.60 -29.52 -5.23
C ASN C 268 4.94 -29.10 -4.65
N GLU C 269 5.84 -28.68 -5.53
CA GLU C 269 7.10 -28.08 -5.13
C GLU C 269 7.05 -26.58 -5.43
N GLY C 270 6.26 -25.89 -4.62
CA GLY C 270 6.07 -24.47 -4.77
C GLY C 270 5.04 -24.11 -5.83
N LEU C 271 4.98 -22.81 -6.14
CA LEU C 271 4.04 -22.28 -7.10
C LEU C 271 4.74 -21.25 -7.97
N PHE C 272 4.12 -20.92 -9.10
CA PHE C 272 4.62 -19.89 -9.98
C PHE C 272 3.54 -18.85 -10.26
N SER C 273 3.97 -17.61 -10.49
CA SER C 273 3.13 -16.54 -10.98
C SER C 273 3.81 -15.91 -12.18
N LEU C 274 3.03 -15.62 -13.23
CA LEU C 274 3.59 -14.99 -14.42
C LEU C 274 2.59 -14.01 -15.02
N VAL C 275 3.13 -12.99 -15.66
CA VAL C 275 2.35 -12.04 -16.46
C VAL C 275 2.96 -12.04 -17.86
N ALA C 276 2.16 -12.40 -18.85
CA ALA C 276 2.58 -12.41 -20.24
C ALA C 276 1.66 -11.53 -21.08
N ARG C 277 2.15 -11.14 -22.26
CA ARG C 277 1.36 -10.35 -23.19
C ARG C 277 1.22 -11.08 -24.52
N LYS C 278 0.00 -11.11 -25.05
CA LYS C 278 -0.22 -11.77 -26.33
C LYS C 278 0.47 -11.03 -27.47
N LEU C 279 1.11 -11.81 -28.33
CA LEU C 279 1.80 -11.29 -29.53
C LEU C 279 0.84 -10.83 -30.61
N PHE D 24 -23.28 9.26 28.32
CA PHE D 24 -22.15 8.38 28.55
C PHE D 24 -22.53 6.89 28.46
N THR D 25 -21.74 6.14 27.69
CA THR D 25 -21.93 4.70 27.53
C THR D 25 -22.11 4.00 28.87
N SER D 26 -23.16 3.18 28.96
CA SER D 26 -23.46 2.35 30.12
C SER D 26 -22.66 1.05 30.07
N LYS D 27 -22.58 0.39 31.23
CA LYS D 27 -21.93 -0.92 31.31
C LYS D 27 -22.50 -1.88 30.27
N ASP D 28 -23.83 -1.96 30.18
CA ASP D 28 -24.48 -2.97 29.36
C ASP D 28 -24.29 -2.76 27.87
N THR D 29 -23.97 -1.54 27.42
CA THR D 29 -23.71 -1.32 26.00
C THR D 29 -22.56 -2.19 25.50
N TYR D 30 -21.64 -2.58 26.39
CA TYR D 30 -20.51 -3.41 25.96
C TYR D 30 -20.93 -4.85 25.72
N LEU D 31 -21.93 -5.36 26.44
CA LEU D 31 -22.41 -6.71 26.19
C LEU D 31 -23.09 -6.80 24.83
N SER D 32 -23.68 -5.72 24.35
CA SER D 32 -24.55 -5.76 23.18
C SER D 32 -23.94 -5.12 21.94
N HIS D 33 -23.10 -4.09 22.09
CA HIS D 33 -22.65 -3.33 20.95
C HIS D 33 -21.15 -3.32 20.76
N PHE D 34 -20.38 -3.83 21.72
CA PHE D 34 -18.93 -3.91 21.57
C PHE D 34 -18.60 -5.18 20.81
N ASN D 35 -18.04 -5.03 19.60
CA ASN D 35 -17.67 -6.18 18.80
C ASN D 35 -16.20 -6.48 19.06
N PRO D 36 -15.87 -7.51 19.85
CA PRO D 36 -14.46 -7.73 20.22
C PRO D 36 -13.55 -7.94 19.03
N ARG D 37 -14.01 -8.71 18.04
CA ARG D 37 -13.14 -9.06 16.92
C ARG D 37 -12.90 -7.87 16.01
N ASP D 38 -13.91 -7.02 15.82
CA ASP D 38 -13.71 -5.78 15.07
C ASP D 38 -12.79 -4.83 15.82
N TYR D 39 -12.95 -4.71 17.14
CA TYR D 39 -12.04 -3.89 17.93
C TYR D 39 -10.59 -4.32 17.72
N LEU D 40 -10.34 -5.62 17.73
CA LEU D 40 -9.00 -6.15 17.51
C LEU D 40 -8.47 -5.78 16.13
N GLU D 41 -9.32 -5.88 15.11
CA GLU D 41 -8.89 -5.61 13.75
C GLU D 41 -8.50 -4.15 13.56
N LYS D 42 -9.21 -3.23 14.21
CA LYS D 42 -8.95 -1.80 14.05
C LYS D 42 -7.73 -1.34 14.85
N TYR D 43 -7.51 -1.88 16.04
CA TYR D 43 -6.54 -1.32 16.96
C TYR D 43 -5.26 -2.13 17.12
N TYR D 44 -5.29 -3.44 16.90
CA TYR D 44 -4.19 -4.30 17.30
C TYR D 44 -3.74 -5.22 16.18
N LYS D 45 -4.02 -4.85 14.92
CA LYS D 45 -3.56 -5.67 13.82
C LYS D 45 -2.05 -5.56 13.65
N PHE D 46 -1.47 -4.43 14.05
CA PHE D 46 -0.03 -4.26 14.20
C PHE D 46 0.69 -4.70 12.93
N GLY D 47 0.18 -4.26 11.80
CA GLY D 47 0.76 -4.55 10.50
C GLY D 47 2.07 -3.84 10.32
N SER D 48 2.54 -3.82 9.07
CA SER D 48 3.77 -3.12 8.78
C SER D 48 3.50 -1.70 8.34
N ARG D 49 2.25 -1.39 8.02
CA ARG D 49 1.86 -0.03 7.65
C ARG D 49 1.91 0.83 8.90
N HIS D 50 2.83 1.78 8.92
CA HIS D 50 2.91 2.75 10.00
C HIS D 50 1.53 3.33 10.32
N SER D 51 1.20 3.38 11.61
CA SER D 51 -0.06 3.99 12.01
C SER D 51 0.02 4.43 13.47
N ALA D 52 -0.91 5.33 13.83
CA ALA D 52 -0.97 5.83 15.20
C ALA D 52 -1.29 4.72 16.20
N GLU D 53 -2.20 3.81 15.83
CA GLU D 53 -2.54 2.72 16.73
C GLU D 53 -1.33 1.84 16.98
N SER D 54 -0.53 1.59 15.94
CA SER D 54 0.69 0.80 16.12
C SER D 54 1.72 1.55 16.95
N GLN D 55 1.83 2.87 16.74
CA GLN D 55 2.76 3.67 17.55
C GLN D 55 2.39 3.60 19.03
N ILE D 56 1.10 3.68 19.34
CA ILE D 56 0.66 3.60 20.73
C ILE D 56 0.92 2.21 21.29
N LEU D 57 0.57 1.18 20.52
CA LEU D 57 0.83 -0.20 20.94
C LEU D 57 2.32 -0.40 21.24
N LYS D 58 3.19 0.09 20.35
CA LYS D 58 4.63 -0.02 20.60
C LYS D 58 5.01 0.58 21.95
N HIS D 59 4.49 1.77 22.25
CA HIS D 59 4.83 2.41 23.51
C HIS D 59 4.27 1.65 24.71
N LEU D 60 3.03 1.18 24.61
CA LEU D 60 2.45 0.39 25.70
C LEU D 60 3.28 -0.86 25.96
N LEU D 61 3.68 -1.56 24.90
CA LEU D 61 4.49 -2.76 25.07
C LEU D 61 5.83 -2.44 25.73
N LYS D 62 6.46 -1.33 25.33
CA LYS D 62 7.73 -0.93 25.93
C LYS D 62 7.56 -0.60 27.41
N ASN D 63 6.44 0.06 27.76
CA ASN D 63 6.19 0.38 29.16
C ASN D 63 5.97 -0.89 29.97
N LEU D 64 5.14 -1.81 29.45
CA LEU D 64 4.95 -3.10 30.11
C LEU D 64 6.26 -3.85 30.26
N PHE D 65 7.10 -3.83 29.23
CA PHE D 65 8.43 -4.44 29.33
C PHE D 65 9.25 -3.81 30.45
N LYS D 66 9.24 -2.48 30.54
CA LYS D 66 9.96 -1.79 31.60
C LYS D 66 9.45 -2.20 32.97
N ILE D 67 8.13 -2.32 33.11
CA ILE D 67 7.53 -2.56 34.42
C ILE D 67 7.85 -3.97 34.90
N PHE D 68 7.57 -4.96 34.07
CA PHE D 68 7.60 -6.35 34.50
C PHE D 68 8.94 -7.04 34.25
N CYS D 69 9.80 -6.48 33.40
CA CYS D 69 11.08 -7.09 33.09
C CYS D 69 12.28 -6.28 33.53
N LEU D 70 12.19 -4.94 33.60
CA LEU D 70 13.29 -4.12 34.08
C LEU D 70 13.11 -3.67 35.52
N ASP D 71 11.90 -3.25 35.91
CA ASP D 71 11.67 -2.86 37.29
C ASP D 71 11.41 -4.06 38.19
N GLY D 72 11.40 -5.27 37.64
CA GLY D 72 11.21 -6.46 38.45
C GLY D 72 9.90 -6.50 39.21
N VAL D 73 8.85 -5.91 38.65
CA VAL D 73 7.51 -6.06 39.23
C VAL D 73 7.05 -7.50 38.99
N LYS D 74 6.98 -8.28 40.06
CA LYS D 74 6.72 -9.71 39.95
C LYS D 74 5.98 -10.19 41.18
N GLY D 75 5.46 -11.41 41.10
CA GLY D 75 4.77 -12.01 42.21
C GLY D 75 4.06 -13.27 41.78
N ASP D 76 3.22 -13.79 42.68
CA ASP D 76 2.47 -15.01 42.37
C ASP D 76 1.27 -14.73 41.48
N LEU D 77 0.44 -13.77 41.87
CA LEU D 77 -0.86 -13.55 41.24
C LEU D 77 -0.94 -12.14 40.67
N LEU D 78 -1.22 -12.05 39.37
CA LEU D 78 -1.60 -10.80 38.73
C LEU D 78 -3.04 -10.91 38.24
N ILE D 79 -3.85 -9.90 38.57
CA ILE D 79 -5.22 -9.82 38.10
C ILE D 79 -5.31 -8.71 37.06
N ASP D 80 -5.74 -9.06 35.86
CA ASP D 80 -5.94 -8.11 34.78
C ASP D 80 -7.40 -7.68 34.75
N ILE D 81 -7.65 -6.39 34.90
CA ILE D 81 -8.99 -5.82 35.00
C ILE D 81 -9.33 -5.16 33.67
N GLY D 82 -10.48 -5.53 33.10
CA GLY D 82 -10.89 -4.95 31.84
C GLY D 82 -10.04 -5.43 30.69
N SER D 83 -9.70 -6.73 30.66
CA SER D 83 -8.85 -7.28 29.62
C SER D 83 -9.41 -7.01 28.22
N GLY D 84 -10.73 -6.89 28.10
CA GLY D 84 -11.37 -6.94 26.81
C GLY D 84 -11.01 -8.23 26.11
N PRO D 85 -10.85 -8.18 24.79
CA PRO D 85 -10.41 -9.36 24.04
C PRO D 85 -8.91 -9.44 23.79
N THR D 86 -8.10 -8.62 24.46
CA THR D 86 -6.69 -8.49 24.14
C THR D 86 -5.81 -9.28 25.10
N ILE D 87 -4.65 -9.67 24.60
CA ILE D 87 -3.62 -10.31 25.43
C ILE D 87 -2.29 -9.57 25.39
N TYR D 88 -2.17 -8.53 24.55
CA TYR D 88 -0.91 -7.80 24.44
C TYR D 88 -0.39 -7.35 25.79
N GLN D 89 -1.29 -6.95 26.69
CA GLN D 89 -0.89 -6.42 27.99
C GLN D 89 -0.41 -7.50 28.95
N LEU D 90 -0.40 -8.77 28.54
CA LEU D 90 0.02 -9.87 29.39
C LEU D 90 1.34 -10.50 28.97
N LEU D 91 1.93 -10.07 27.86
CA LEU D 91 3.04 -10.84 27.29
C LEU D 91 4.31 -10.70 28.14
N SER D 92 4.61 -9.49 28.61
CA SER D 92 5.73 -9.35 29.52
C SER D 92 5.38 -9.78 30.93
N ALA D 93 4.13 -9.58 31.34
CA ALA D 93 3.73 -9.91 32.72
C ALA D 93 3.87 -11.39 33.01
N CYS D 94 3.64 -12.26 32.00
CA CYS D 94 3.74 -13.69 32.24
C CYS D 94 5.18 -14.15 32.45
N GLU D 95 6.16 -13.28 32.22
CA GLU D 95 7.54 -13.59 32.60
C GLU D 95 7.74 -13.47 34.10
N SER D 96 6.90 -12.68 34.77
CA SER D 96 7.14 -12.32 36.15
C SER D 96 6.06 -12.79 37.11
N PHE D 97 4.96 -13.36 36.63
CA PHE D 97 3.87 -13.81 37.50
C PHE D 97 3.54 -15.25 37.20
N LYS D 98 3.44 -16.06 38.26
CA LYS D 98 3.17 -17.49 38.09
C LYS D 98 1.75 -17.73 37.58
N GLU D 99 0.79 -16.93 38.05
CA GLU D 99 -0.61 -17.08 37.71
C GLU D 99 -1.18 -15.75 37.26
N ILE D 100 -1.98 -15.78 36.20
CA ILE D 100 -2.66 -14.60 35.68
C ILE D 100 -4.15 -14.90 35.59
N VAL D 101 -4.96 -14.00 36.15
CA VAL D 101 -6.41 -14.08 36.03
C VAL D 101 -6.86 -12.89 35.18
N VAL D 102 -7.49 -13.19 34.05
CA VAL D 102 -7.97 -12.15 33.13
C VAL D 102 -9.46 -11.97 33.34
N THR D 103 -9.90 -10.71 33.41
CA THR D 103 -11.28 -10.40 33.74
C THR D 103 -11.81 -9.33 32.80
N ASP D 104 -13.12 -9.34 32.59
CA ASP D 104 -13.80 -8.31 31.82
C ASP D 104 -15.28 -8.35 32.18
N TYR D 105 -15.95 -7.22 31.95
CA TYR D 105 -17.39 -7.17 32.19
C TYR D 105 -18.17 -7.83 31.06
N SER D 106 -17.62 -7.84 29.85
CA SER D 106 -18.30 -8.29 28.65
C SER D 106 -17.93 -9.74 28.38
N ASP D 107 -18.93 -10.63 28.41
CA ASP D 107 -18.67 -12.06 28.23
C ASP D 107 -18.16 -12.39 26.83
N GLN D 108 -18.65 -11.69 25.81
CA GLN D 108 -18.14 -11.95 24.46
C GLN D 108 -16.67 -11.60 24.34
N ASN D 109 -16.21 -10.57 25.06
CA ASN D 109 -14.78 -10.26 25.09
C ASN D 109 -13.98 -11.43 25.66
N LEU D 110 -14.44 -11.99 26.79
CA LEU D 110 -13.73 -13.10 27.40
C LEU D 110 -13.72 -14.34 26.52
N GLN D 111 -14.85 -14.64 25.85
CA GLN D 111 -14.89 -15.83 25.01
C GLN D 111 -14.01 -15.66 23.78
N GLU D 112 -13.91 -14.44 23.26
CA GLU D 112 -12.96 -14.17 22.18
C GLU D 112 -11.53 -14.37 22.67
N LEU D 113 -11.25 -13.91 23.89
CA LEU D 113 -9.94 -14.13 24.49
C LEU D 113 -9.69 -15.62 24.67
N GLU D 114 -10.68 -16.34 25.22
CA GLU D 114 -10.54 -17.77 25.44
C GLU D 114 -10.35 -18.51 24.11
N LYS D 115 -10.94 -18.00 23.03
CA LYS D 115 -10.66 -18.56 21.71
C LYS D 115 -9.16 -18.56 21.41
N TRP D 116 -8.47 -17.49 21.78
CA TRP D 116 -7.02 -17.46 21.59
C TRP D 116 -6.31 -18.38 22.56
N LEU D 117 -6.74 -18.40 23.82
CA LEU D 117 -6.15 -19.31 24.79
C LEU D 117 -6.25 -20.76 24.33
N LYS D 118 -7.38 -21.12 23.71
CA LYS D 118 -7.57 -22.45 23.14
C LYS D 118 -6.79 -22.65 21.84
N ALA D 119 -6.21 -21.59 21.26
CA ALA D 119 -5.52 -21.65 19.97
C ALA D 119 -6.48 -22.07 18.85
N ALA D 120 -7.69 -21.52 18.91
CA ALA D 120 -8.70 -21.78 17.90
C ALA D 120 -8.27 -21.30 16.53
N PRO D 121 -8.69 -21.97 15.46
CA PRO D 121 -8.35 -21.50 14.11
C PRO D 121 -8.86 -20.06 13.80
N ALA D 122 -10.06 -19.61 14.32
CA ALA D 122 -10.59 -18.23 14.05
C ALA D 122 -10.09 -17.19 15.06
N ALA D 123 -9.25 -17.59 16.01
CA ALA D 123 -8.73 -16.65 16.98
C ALA D 123 -7.89 -15.59 16.29
N PHE D 124 -7.83 -14.43 16.92
CA PHE D 124 -7.03 -13.33 16.39
C PHE D 124 -5.55 -13.70 16.37
N ASP D 125 -4.85 -13.20 15.36
CA ASP D 125 -3.42 -13.49 15.20
C ASP D 125 -2.63 -12.42 15.93
N TRP D 126 -2.08 -12.78 17.09
CA TRP D 126 -1.24 -11.89 17.87
C TRP D 126 0.24 -12.02 17.53
N SER D 127 0.60 -12.88 16.58
CA SER D 127 2.00 -13.21 16.37
C SER D 127 2.90 -12.01 16.06
N PRO D 128 2.47 -10.99 15.29
CA PRO D 128 3.35 -9.81 15.15
C PRO D 128 3.59 -9.09 16.46
N VAL D 129 2.59 -9.07 17.35
CA VAL D 129 2.78 -8.45 18.65
C VAL D 129 3.66 -9.33 19.54
N VAL D 130 3.45 -10.65 19.48
CA VAL D 130 4.28 -11.57 20.25
C VAL D 130 5.76 -11.44 19.86
N THR D 131 6.02 -11.32 18.56
CA THR D 131 7.40 -11.20 18.11
C THR D 131 8.05 -9.92 18.62
N TYR D 132 7.33 -8.80 18.55
CA TYR D 132 7.83 -7.53 19.08
C TYR D 132 8.23 -7.67 20.55
N VAL D 133 7.39 -8.33 21.35
CA VAL D 133 7.69 -8.49 22.76
C VAL D 133 8.91 -9.38 22.95
N CYS D 134 8.99 -10.49 22.20
CA CYS D 134 10.15 -11.37 22.27
C CYS D 134 11.43 -10.61 21.95
N ASP D 135 11.39 -9.68 20.99
CA ASP D 135 12.55 -8.88 20.68
C ASP D 135 12.91 -7.94 21.84
N LEU D 136 11.90 -7.27 22.41
CA LEU D 136 12.12 -6.39 23.55
C LEU D 136 12.88 -7.10 24.65
N GLU D 137 12.48 -8.33 24.95
CA GLU D 137 13.07 -9.11 26.03
C GLU D 137 14.37 -9.81 25.64
N GLY D 138 14.96 -9.45 24.51
CA GLY D 138 16.25 -9.98 24.14
C GLY D 138 16.23 -11.32 23.43
N ASN D 139 15.10 -11.68 22.81
CA ASN D 139 14.99 -12.91 22.02
C ASN D 139 15.42 -14.15 22.81
N ARG D 140 15.09 -14.17 24.10
CA ARG D 140 15.35 -15.36 24.90
C ARG D 140 14.48 -16.53 24.43
N VAL D 141 13.28 -16.24 23.91
CA VAL D 141 12.39 -17.26 23.38
C VAL D 141 11.78 -16.73 22.09
N LYS D 142 11.25 -17.65 21.29
CA LYS D 142 10.53 -17.30 20.08
C LYS D 142 9.03 -17.25 20.39
N GLY D 143 8.27 -16.80 19.39
CA GLY D 143 6.85 -16.61 19.52
C GLY D 143 6.08 -17.78 20.12
N PRO D 144 6.22 -18.97 19.53
CA PRO D 144 5.47 -20.12 20.06
C PRO D 144 5.75 -20.43 21.53
N GLU D 145 7.02 -20.40 21.95
CA GLU D 145 7.33 -20.64 23.35
C GLU D 145 6.75 -19.54 24.23
N LYS D 146 6.77 -18.30 23.75
CA LYS D 146 6.22 -17.18 24.51
C LYS D 146 4.70 -17.34 24.70
N GLU D 147 4.00 -17.67 23.62
CA GLU D 147 2.55 -17.86 23.70
C GLU D 147 2.18 -18.99 24.66
N GLU D 148 2.95 -20.08 24.65
CA GLU D 148 2.64 -21.18 25.56
C GLU D 148 2.87 -20.79 27.01
N LYS D 149 3.86 -19.94 27.28
CA LYS D 149 4.06 -19.46 28.64
C LYS D 149 2.85 -18.65 29.11
N LEU D 150 2.27 -17.86 28.21
CA LEU D 150 1.09 -17.07 28.58
C LEU D 150 -0.13 -17.95 28.76
N ARG D 151 -0.37 -18.87 27.81
CA ARG D 151 -1.48 -19.80 27.94
C ARG D 151 -1.36 -20.60 29.23
N GLN D 152 -0.13 -20.98 29.60
CA GLN D 152 0.11 -21.64 30.89
C GLN D 152 -0.20 -20.71 32.05
N ALA D 153 0.11 -19.42 31.91
CA ALA D 153 -0.01 -18.50 33.03
C ALA D 153 -1.46 -18.17 33.37
N VAL D 154 -2.34 -18.13 32.37
CA VAL D 154 -3.72 -17.74 32.60
C VAL D 154 -4.46 -18.91 33.25
N LYS D 155 -4.81 -18.75 34.54
CA LYS D 155 -5.49 -19.81 35.29
C LYS D 155 -7.00 -19.66 35.31
N GLN D 156 -7.53 -18.43 35.27
CA GLN D 156 -8.97 -18.23 35.23
C GLN D 156 -9.32 -17.05 34.33
N VAL D 157 -10.54 -17.09 33.81
CA VAL D 157 -11.11 -16.05 32.96
C VAL D 157 -12.46 -15.70 33.57
N LEU D 158 -12.56 -14.52 34.18
CA LEU D 158 -13.67 -14.20 35.07
C LEU D 158 -14.42 -12.95 34.65
N LYS D 159 -15.67 -12.87 35.14
CA LYS D 159 -16.48 -11.68 35.01
C LYS D 159 -16.08 -10.66 36.07
N CYS D 160 -15.99 -9.39 35.67
CA CYS D 160 -15.64 -8.33 36.60
C CYS D 160 -16.51 -7.10 36.36
N ASP D 161 -16.71 -6.32 37.43
CA ASP D 161 -17.48 -5.07 37.37
C ASP D 161 -16.76 -4.09 38.30
N VAL D 162 -16.04 -3.13 37.71
CA VAL D 162 -15.23 -2.22 38.53
C VAL D 162 -16.10 -1.30 39.37
N THR D 163 -17.36 -1.14 39.03
CA THR D 163 -18.26 -0.29 39.82
C THR D 163 -18.80 -0.99 41.06
N GLN D 164 -18.57 -2.29 41.20
CA GLN D 164 -19.02 -3.06 42.36
C GLN D 164 -17.91 -3.16 43.39
N SER D 165 -18.30 -3.09 44.67
CA SER D 165 -17.32 -3.18 45.75
C SER D 165 -16.50 -4.45 45.66
N GLN D 166 -17.13 -5.56 45.25
CA GLN D 166 -16.43 -6.82 45.00
C GLN D 166 -16.36 -6.99 43.50
N PRO D 167 -15.34 -6.45 42.83
CA PRO D 167 -15.33 -6.44 41.36
C PRO D 167 -15.39 -7.81 40.73
N LEU D 168 -14.86 -8.83 41.41
CA LEU D 168 -14.90 -10.20 40.92
C LEU D 168 -15.97 -11.03 41.62
N GLY D 169 -16.97 -10.38 42.20
CA GLY D 169 -17.95 -11.12 42.97
C GLY D 169 -17.28 -11.82 44.14
N ALA D 170 -17.76 -13.01 44.45
CA ALA D 170 -17.26 -13.80 45.57
C ALA D 170 -16.10 -14.72 45.22
N VAL D 171 -15.64 -14.72 43.97
CA VAL D 171 -14.63 -15.69 43.50
C VAL D 171 -13.44 -15.70 44.44
N PRO D 172 -13.05 -16.87 44.97
CA PRO D 172 -11.98 -16.90 45.98
C PRO D 172 -10.63 -16.83 45.30
N LEU D 173 -9.86 -15.82 45.68
CA LEU D 173 -8.50 -15.61 45.21
C LEU D 173 -7.71 -15.01 46.36
N PRO D 174 -6.43 -15.36 46.49
CA PRO D 174 -5.60 -14.68 47.47
C PRO D 174 -5.44 -13.23 47.12
N PRO D 175 -5.11 -12.36 48.08
CA PRO D 175 -4.77 -10.98 47.75
C PRO D 175 -3.72 -10.96 46.65
N ALA D 176 -3.95 -10.14 45.64
CA ALA D 176 -3.08 -10.17 44.46
C ALA D 176 -1.81 -9.38 44.71
N ASP D 177 -0.74 -9.80 44.03
CA ASP D 177 0.51 -9.06 44.06
C ASP D 177 0.48 -7.86 43.12
N CYS D 178 -0.33 -7.93 42.07
CA CYS D 178 -0.42 -6.85 41.10
C CYS D 178 -1.79 -6.87 40.45
N VAL D 179 -2.41 -5.69 40.37
CA VAL D 179 -3.61 -5.48 39.57
C VAL D 179 -3.25 -4.62 38.38
N LEU D 180 -3.58 -5.08 37.18
CA LEU D 180 -3.29 -4.38 35.94
C LEU D 180 -4.60 -4.04 35.24
N SER D 181 -4.66 -2.84 34.66
CA SER D 181 -5.84 -2.40 33.91
C SER D 181 -5.38 -1.48 32.80
N THR D 182 -5.60 -1.89 31.55
CA THR D 182 -5.19 -1.11 30.39
C THR D 182 -6.44 -0.66 29.63
N LEU D 183 -6.55 0.65 29.43
CA LEU D 183 -7.59 1.24 28.58
C LEU D 183 -9.00 0.86 29.04
N CYS D 184 -9.18 0.64 30.34
CA CYS D 184 -10.43 0.16 30.90
C CYS D 184 -11.19 1.22 31.68
N LEU D 185 -10.55 1.86 32.66
CA LEU D 185 -11.28 2.67 33.61
C LEU D 185 -11.92 3.90 32.96
N ASP D 186 -11.23 4.52 32.00
CA ASP D 186 -11.83 5.64 31.27
C ASP D 186 -13.15 5.25 30.64
N ALA D 187 -13.22 4.06 30.05
CA ALA D 187 -14.43 3.60 29.37
C ALA D 187 -15.47 3.07 30.34
N ALA D 188 -15.06 2.67 31.55
CA ALA D 188 -15.95 2.01 32.51
C ALA D 188 -16.50 2.94 33.57
N CYS D 189 -15.92 4.13 33.72
CA CYS D 189 -16.32 5.04 34.80
C CYS D 189 -16.93 6.31 34.21
N PRO D 190 -18.24 6.54 34.36
CA PRO D 190 -18.88 7.70 33.72
C PRO D 190 -18.56 9.04 34.38
N ASP D 191 -17.99 9.06 35.58
CA ASP D 191 -17.62 10.31 36.21
C ASP D 191 -16.45 10.06 37.17
N LEU D 192 -15.87 11.16 37.65
CA LEU D 192 -14.71 11.04 38.52
C LEU D 192 -15.02 10.36 39.85
N PRO D 193 -16.15 10.60 40.52
CA PRO D 193 -16.45 9.81 41.72
C PRO D 193 -16.55 8.31 41.45
N THR D 194 -17.14 7.92 40.32
CA THR D 194 -17.12 6.52 39.93
C THR D 194 -15.68 6.06 39.71
N TYR D 195 -14.87 6.89 39.06
CA TYR D 195 -13.46 6.58 38.85
C TYR D 195 -12.74 6.32 40.17
N CYS D 196 -12.93 7.22 41.15
CA CYS D 196 -12.26 7.06 42.43
C CYS D 196 -12.75 5.84 43.18
N ARG D 197 -14.06 5.55 43.09
CA ARG D 197 -14.60 4.35 43.71
C ARG D 197 -14.01 3.10 43.06
N ALA D 198 -13.89 3.10 41.72
CA ALA D 198 -13.34 1.95 41.03
C ALA D 198 -11.91 1.68 41.46
N LEU D 199 -11.10 2.75 41.63
CA LEU D 199 -9.73 2.57 42.09
C LEU D 199 -9.72 1.97 43.49
N ARG D 200 -10.70 2.33 44.33
CA ARG D 200 -10.83 1.71 45.65
C ARG D 200 -11.27 0.27 45.52
N ASN D 201 -12.18 -0.03 44.59
CA ASN D 201 -12.62 -1.40 44.39
C ASN D 201 -11.48 -2.30 43.92
N LEU D 202 -10.66 -1.83 42.99
CA LEU D 202 -9.51 -2.62 42.56
C LEU D 202 -8.56 -2.90 43.71
N GLY D 203 -8.40 -1.94 44.62
CA GLY D 203 -7.52 -2.15 45.76
C GLY D 203 -7.97 -3.26 46.68
N SER D 204 -9.27 -3.55 46.70
CA SER D 204 -9.76 -4.66 47.52
C SER D 204 -9.19 -6.00 47.08
N LEU D 205 -8.74 -6.11 45.83
CA LEU D 205 -8.14 -7.33 45.32
C LEU D 205 -6.64 -7.44 45.61
N LEU D 206 -6.03 -6.40 46.17
CA LEU D 206 -4.59 -6.26 46.23
C LEU D 206 -4.08 -6.37 47.66
N LYS D 207 -2.96 -7.08 47.83
CA LYS D 207 -2.25 -7.09 49.10
C LYS D 207 -1.78 -5.68 49.47
N PRO D 208 -1.57 -5.42 50.75
CA PRO D 208 -0.83 -4.20 51.13
C PRO D 208 0.55 -4.19 50.49
N GLY D 209 0.95 -3.03 49.97
CA GLY D 209 2.18 -2.93 49.24
C GLY D 209 2.14 -3.50 47.84
N GLY D 210 1.00 -4.04 47.41
CA GLY D 210 0.89 -4.58 46.07
C GLY D 210 0.91 -3.51 45.01
N PHE D 211 1.10 -3.94 43.78
CA PHE D 211 1.31 -3.03 42.65
C PHE D 211 0.01 -2.81 41.87
N LEU D 212 -0.31 -1.54 41.62
CA LEU D 212 -1.39 -1.16 40.72
C LEU D 212 -0.77 -0.57 39.47
N VAL D 213 -1.07 -1.15 38.32
CA VAL D 213 -0.51 -0.72 37.04
C VAL D 213 -1.68 -0.28 36.17
N ILE D 214 -1.74 1.00 35.85
CA ILE D 214 -2.81 1.58 35.05
C ILE D 214 -2.20 2.23 33.82
N MET D 215 -2.81 1.98 32.66
CA MET D 215 -2.51 2.68 31.42
C MET D 215 -3.83 3.01 30.74
N ASP D 216 -4.01 4.27 30.37
CA ASP D 216 -5.28 4.71 29.83
C ASP D 216 -5.07 6.00 29.04
N ALA D 217 -6.13 6.41 28.33
CA ALA D 217 -6.07 7.60 27.50
C ALA D 217 -6.16 8.87 28.34
N LEU D 218 -5.60 9.95 27.81
CA LEU D 218 -5.63 11.25 28.46
C LEU D 218 -6.54 12.18 27.67
N LYS D 219 -7.40 12.91 28.38
CA LYS D 219 -8.26 13.93 27.78
C LYS D 219 -9.05 13.38 26.58
N SER D 220 -9.73 12.25 26.82
CA SER D 220 -10.48 11.55 25.79
C SER D 220 -11.95 11.47 26.18
N SER D 221 -12.82 11.86 25.25
CA SER D 221 -14.26 11.82 25.48
C SER D 221 -14.95 10.65 24.81
N TYR D 222 -14.27 9.95 23.89
CA TYR D 222 -14.88 8.86 23.15
C TYR D 222 -13.79 8.09 22.41
N TYR D 223 -14.14 6.88 21.97
CA TYR D 223 -13.33 6.15 21.02
C TYR D 223 -14.24 5.37 20.06
N MET D 224 -13.71 5.05 18.89
CA MET D 224 -14.48 4.49 17.79
C MET D 224 -14.00 3.08 17.44
N ILE D 225 -14.96 2.17 17.22
CA ILE D 225 -14.73 0.91 16.52
C ILE D 225 -15.62 0.94 15.28
N GLY D 226 -15.03 1.24 14.12
CA GLY D 226 -15.84 1.48 12.95
C GLY D 226 -16.69 2.71 13.13
N GLU D 227 -17.99 2.58 12.89
CA GLU D 227 -18.94 3.67 13.07
C GLU D 227 -19.57 3.70 14.46
N GLN D 228 -19.22 2.78 15.36
CA GLN D 228 -19.78 2.74 16.70
C GLN D 228 -18.95 3.56 17.67
N LYS D 229 -19.60 4.42 18.43
CA LYS D 229 -18.95 5.32 19.38
C LYS D 229 -19.18 4.85 20.81
N PHE D 230 -18.14 4.93 21.62
CA PHE D 230 -18.21 4.64 23.04
C PHE D 230 -17.65 5.82 23.82
N SER D 231 -18.23 6.04 24.99
CA SER D 231 -17.86 7.16 25.84
C SER D 231 -16.52 6.93 26.51
N SER D 232 -15.86 8.04 26.88
CA SER D 232 -14.63 7.98 27.67
C SER D 232 -14.60 9.13 28.64
N LEU D 233 -14.26 8.83 29.90
CA LEU D 233 -14.14 9.86 30.91
C LEU D 233 -12.93 10.74 30.63
N PRO D 234 -13.11 12.04 30.34
CA PRO D 234 -11.96 12.88 30.01
C PRO D 234 -11.17 13.30 31.23
N LEU D 235 -10.02 12.67 31.44
CA LEU D 235 -9.16 12.93 32.58
C LEU D 235 -7.82 13.48 32.13
N GLY D 236 -7.38 14.55 32.78
CA GLY D 236 -6.02 15.01 32.61
C GLY D 236 -5.08 14.31 33.57
N ARG D 237 -3.78 14.38 33.24
CA ARG D 237 -2.77 13.66 34.02
C ARG D 237 -2.83 14.05 35.50
N GLU D 238 -3.10 15.32 35.79
CA GLU D 238 -3.11 15.81 37.16
C GLU D 238 -4.31 15.27 37.93
N ALA D 239 -5.47 15.18 37.27
CA ALA D 239 -6.65 14.60 37.90
C ALA D 239 -6.45 13.12 38.19
N VAL D 240 -5.83 12.40 37.26
CA VAL D 240 -5.57 10.98 37.44
C VAL D 240 -4.72 10.73 38.69
N GLU D 241 -3.64 11.49 38.83
CA GLU D 241 -2.73 11.29 39.95
C GLU D 241 -3.43 11.51 41.29
N ALA D 242 -4.25 12.56 41.39
CA ALA D 242 -4.96 12.83 42.64
C ALA D 242 -5.91 11.69 42.99
N ALA D 243 -6.66 11.19 42.01
CA ALA D 243 -7.59 10.10 42.26
C ALA D 243 -6.86 8.86 42.75
N VAL D 244 -5.69 8.56 42.17
CA VAL D 244 -4.93 7.38 42.57
C VAL D 244 -4.43 7.54 44.00
N LYS D 245 -3.87 8.71 44.32
CA LYS D 245 -3.45 8.98 45.69
C LYS D 245 -4.63 8.92 46.66
N GLU D 246 -5.74 9.54 46.28
CA GLU D 246 -6.93 9.55 47.13
C GLU D 246 -7.47 8.15 47.36
N ALA D 247 -7.31 7.25 46.38
CA ALA D 247 -7.82 5.89 46.50
C ALA D 247 -6.96 4.99 47.38
N GLY D 248 -5.90 5.52 47.97
CA GLY D 248 -5.07 4.75 48.87
C GLY D 248 -3.80 4.18 48.29
N TYR D 249 -3.20 4.85 47.31
CA TYR D 249 -1.95 4.41 46.71
C TYR D 249 -0.91 5.51 46.76
N THR D 250 0.36 5.11 46.71
CA THR D 250 1.47 6.03 46.48
C THR D 250 2.04 5.73 45.10
N ILE D 251 2.18 6.78 44.29
CA ILE D 251 2.60 6.62 42.90
C ILE D 251 4.12 6.50 42.85
N GLU D 252 4.60 5.43 42.22
CA GLU D 252 6.03 5.22 42.08
C GLU D 252 6.59 5.80 40.80
N TRP D 253 5.80 5.81 39.73
CA TRP D 253 6.14 6.57 38.52
C TRP D 253 4.92 6.76 37.64
N PHE D 254 4.96 7.84 36.87
CA PHE D 254 3.88 8.31 36.02
C PHE D 254 4.48 8.84 34.73
N GLU D 255 4.02 8.33 33.58
CA GLU D 255 4.54 8.74 32.29
C GLU D 255 3.41 9.27 31.42
N VAL D 256 3.70 10.30 30.62
CA VAL D 256 2.74 10.90 29.72
C VAL D 256 3.34 10.97 28.33
N ILE D 257 2.61 10.47 27.34
CA ILE D 257 2.97 10.61 25.93
C ILE D 257 1.82 11.31 25.22
N SER D 258 2.17 12.19 24.27
CA SER D 258 1.16 12.99 23.60
C SER D 258 0.59 12.32 22.35
N GLN D 259 1.25 11.29 21.82
CA GLN D 259 0.76 10.62 20.63
C GLN D 259 -0.67 10.13 20.83
N SER D 260 -1.52 10.42 19.84
CA SER D 260 -2.94 10.12 19.93
C SER D 260 -3.34 9.13 18.85
N TYR D 261 -4.49 8.51 19.05
CA TYR D 261 -5.08 7.65 18.05
C TYR D 261 -5.48 8.46 16.82
N SER D 262 -5.74 7.75 15.72
CA SER D 262 -6.21 8.41 14.51
C SER D 262 -7.50 9.17 14.78
N SER D 263 -7.67 10.28 14.07
CA SER D 263 -8.82 11.15 14.33
C SER D 263 -10.13 10.43 14.04
N THR D 264 -10.12 9.49 13.10
CA THR D 264 -11.28 8.64 12.87
C THR D 264 -11.57 7.70 14.03
N MET D 265 -10.71 7.61 15.03
CA MET D 265 -10.90 6.62 16.09
C MET D 265 -11.04 7.21 17.48
N ALA D 266 -10.37 8.32 17.80
CA ALA D 266 -10.54 8.93 19.11
C ALA D 266 -10.08 10.37 19.07
N ASN D 267 -10.39 11.11 20.15
CA ASN D 267 -10.02 12.51 20.30
C ASN D 267 -9.04 12.71 21.45
N ASN D 268 -8.39 11.64 21.90
CA ASN D 268 -7.56 11.71 23.10
C ASN D 268 -6.34 12.60 22.86
N GLU D 269 -5.82 13.15 23.95
CA GLU D 269 -4.57 13.89 23.94
C GLU D 269 -3.51 13.01 24.61
N GLY D 270 -3.11 11.96 23.90
CA GLY D 270 -2.11 11.05 24.40
C GLY D 270 -2.65 10.04 25.40
N LEU D 271 -1.70 9.35 26.04
CA LEU D 271 -1.99 8.32 27.03
C LEU D 271 -1.06 8.48 28.22
N PHE D 272 -1.43 7.85 29.32
CA PHE D 272 -0.60 7.81 30.52
C PHE D 272 -0.36 6.38 30.95
N SER D 273 0.79 6.16 31.59
CA SER D 273 1.09 4.90 32.27
C SER D 273 1.52 5.22 33.69
N LEU D 274 1.03 4.43 34.65
CA LEU D 274 1.40 4.65 36.04
C LEU D 274 1.56 3.32 36.74
N VAL D 275 2.45 3.31 37.73
CA VAL D 275 2.61 2.21 38.66
C VAL D 275 2.47 2.78 40.06
N ALA D 276 1.50 2.27 40.81
CA ALA D 276 1.30 2.70 42.19
C ALA D 276 1.40 1.48 43.11
N ARG D 277 1.63 1.76 44.38
CA ARG D 277 1.75 0.75 45.41
C ARG D 277 0.68 0.99 46.46
N LYS D 278 -0.04 -0.06 46.82
CA LYS D 278 -1.14 0.04 47.77
C LYS D 278 -0.65 0.39 49.17
N LEU D 279 -1.39 1.28 49.84
CA LEU D 279 -1.10 1.66 51.22
C LEU D 279 -1.34 0.50 52.16
N SER D 280 1.71 0.42 53.03
CA SER D 280 1.43 -0.97 53.39
C SER D 280 0.48 -1.02 54.58
C13 9XL E . 28.80 -1.21 -7.02
C17 9XL E . 26.40 -0.07 -10.76
C20 9XL E . 23.58 -0.72 -12.97
C21 9XL E . 22.76 -1.35 -13.90
C22 9XL E . 23.16 -2.56 -14.45
C24 9XL E . 24.78 -4.47 -14.69
C28 9XL E . 26.29 0.62 -7.50
C02 9XL E . 33.68 -5.34 -4.27
C04 9XL E . 31.88 -4.77 -2.94
C06 9XL E . 32.09 -3.70 -5.02
C07 9XL E . 33.25 -4.43 -5.27
C08 9XL E . 33.72 -4.02 -6.55
C09 9XL E . 32.81 -3.06 -7.00
C11 9XL E . 30.70 -1.98 -6.14
C12 9XL E . 29.70 -2.48 -6.89
C14 9XL E . 27.94 -1.25 -8.18
C16 9XL E . 27.39 0.68 -9.79
C18 9XL E . 25.70 -0.59 -11.54
C19 9XL E . 24.77 -1.30 -12.60
C23 9XL E . 24.34 -3.13 -14.08
C27 9XL E . 25.16 -2.50 -13.15
C29 9XL E . 25.08 -0.28 -7.46
C30 9XL E . 24.06 0.23 -6.41
C32 9XL E . 22.68 0.43 -7.06
C35 9XL E . 29.86 0.00 -7.09
C37 9XL E . 31.04 -0.54 -6.87
N03 9XL E . 32.97 -5.49 -3.14
N05 9XL E . 31.44 -3.89 -3.86
N10 9XL E . 31.85 -2.90 -6.07
N15 9XL E . 27.37 0.15 -8.40
N25 9XL E . 25.64 -5.36 -13.93
N31 9XL E . 23.95 -0.71 -5.34
O26 9XL E . 24.42 -4.76 -15.78
O33 9XL E . 22.51 1.35 -7.94
O34 9XL E . 21.73 -0.31 -6.74
O36 9XL E . 29.54 0.97 -6.06
O38 9XL E . 31.81 0.28 -5.99
CL1 9XL E . 35.18 -6.32 -4.53
C1 PEG F . 41.16 0.78 -0.63
O1 PEG F . 41.93 1.79 -1.22
C2 PEG F . 41.04 -0.40 -1.61
O2 PEG F . 41.67 -1.54 -1.08
C3 PEG F . 40.79 -2.54 -0.67
C4 PEG F . 41.43 -3.90 -0.87
O4 PEG F . 41.61 -4.15 -2.23
C1 PEG G . 31.61 12.89 -7.59
O1 PEG G . 31.06 13.44 -8.76
C2 PEG G . 30.93 13.48 -6.37
O2 PEG G . 30.94 12.55 -5.32
C3 PEG G . 32.22 12.20 -4.90
C4 PEG G . 32.20 11.92 -3.40
O4 PEG G . 33.46 11.47 -2.99
C1 PEG H . 33.95 5.64 6.29
O1 PEG H . 33.42 6.38 5.23
C2 PEG H . 35.22 4.94 5.84
O2 PEG H . 35.54 3.91 6.73
C3 PEG H . 35.02 2.67 6.35
C4 PEG H . 36.06 1.58 6.60
O4 PEG H . 35.43 0.34 6.73
C1 PEG I . 17.73 17.23 7.93
O1 PEG I . 18.96 17.69 8.41
C2 PEG I . 17.43 15.87 8.53
O2 PEG I . 16.72 15.11 7.60
C3 PEG I . 15.44 14.75 8.02
C4 PEG I . 14.48 14.81 6.84
O4 PEG I . 13.61 15.89 7.01
C1 PEG J . 4.20 3.35 -11.12
O1 PEG J . 3.54 3.03 -9.93
C2 PEG J . 3.81 4.74 -11.59
O2 PEG J . 3.97 4.80 -12.99
C3 PEG J . 3.49 3.65 -13.63
C4 PEG J . 3.74 3.70 -15.14
O4 PEG J . 5.08 3.37 -15.41
C13 9XL K . -6.01 28.73 -9.27
C17 9XL K . -6.79 24.94 -6.81
C20 9XL K . -8.74 22.34 -5.31
C21 9XL K . -9.72 21.72 -4.58
C22 9XL K . -10.69 22.46 -3.94
C24 9XL K . -11.73 24.64 -3.32
C28 9XL K . -6.15 26.00 -10.05
C02 9XL K . -6.98 35.51 -10.33
C04 9XL K . -6.99 34.12 -12.16
C06 9XL K . -6.37 33.20 -10.13
C07 9XL K . -6.54 34.43 -9.51
C08 9XL K . -6.23 34.21 -8.14
C09 9XL K . -5.88 32.86 -8.02
C11 9XL K . -5.71 30.91 -9.61
C12 9XL K . -6.70 30.11 -9.19
C14 9XL K . -6.54 27.86 -8.27
C16 9XL K . -5.68 25.63 -7.65
C18 9XL K . -7.62 24.42 -6.20
C19 9XL K . -8.74 23.70 -5.39
C23 9XL K . -10.67 23.81 -4.04
C27 9XL K . -9.69 24.45 -4.77
C29 9XL K . -7.12 24.91 -10.38
C30 9XL K . -6.79 24.06 -11.61
C32 9XL K . -7.45 22.72 -11.39
C35 9XL K . -4.48 29.02 -8.95
C37 9XL K . -4.37 30.33 -8.86
N03 9XL K . -7.18 35.30 -11.62
N05 9XL K . -6.60 33.07 -11.44
N10 9XL K . -5.99 32.31 -9.23
N15 9XL K . -6.44 26.40 -8.65
N25 9XL K . -12.23 25.85 -3.92
N31 9XL K . -7.38 24.60 -12.78
O26 9XL K . -12.10 24.26 -2.28
O33 9XL K . -8.60 22.50 -11.85
O34 9XL K . -6.87 21.85 -10.73
O36 9XL K . -3.75 28.50 -10.08
O38 9XL K . -3.18 30.81 -9.46
CL1 9XL K . -7.26 37.16 -9.64
C1 PEG L . -13.76 13.27 8.56
O1 PEG L . -13.64 12.01 9.16
C2 PEG L . -13.13 14.32 9.46
O2 PEG L . -13.84 15.52 9.34
C3 PEG L . -13.30 16.58 10.06
C4 PEG L . -13.01 17.74 9.12
O4 PEG L . -12.70 18.89 9.86
C1 PEG M . -9.92 7.87 -27.56
O1 PEG M . -8.59 7.45 -27.45
C2 PEG M . -10.07 8.90 -28.66
O2 PEG M . -9.26 10.01 -28.41
C3 PEG M . -9.55 11.10 -29.24
C4 PEG M . -9.27 10.73 -30.70
O4 PEG M . -9.60 11.82 -31.52
C13 9XL N . -10.63 -25.88 -11.57
C17 9XL N . -8.19 -26.58 -7.70
C20 9XL N . -5.33 -26.42 -5.50
C21 9XL N . -4.06 -26.61 -5.01
C22 9XL N . -3.12 -27.29 -5.76
C24 9XL N . -2.45 -28.52 -7.83
C28 9XL N . -10.16 -24.16 -9.22
C02 9XL N . -11.39 -27.87 -18.18
C04 9XL N . -11.62 -25.62 -17.74
C06 9XL N . -11.49 -27.06 -15.92
C07 9XL N . -11.39 -28.13 -16.77
C08 9XL N . -11.29 -29.29 -15.96
C09 9XL N . -11.34 -28.83 -14.64
C11 9XL N . -11.56 -26.61 -13.49
C12 9XL N . -10.34 -26.32 -13.03
C14 9XL N . -9.51 -26.18 -10.73
C16 9XL N . -9.63 -26.38 -8.24
C18 9XL N . -7.12 -26.73 -7.30
C19 9XL N . -5.67 -26.92 -6.72
C23 9XL N . -3.47 -27.77 -6.98
C27 9XL N . -4.75 -27.59 -7.47
C29 9XL N . -9.09 -23.13 -9.05
C30 9XL N . -9.56 -21.79 -8.44
C32 9XL N . -8.62 -21.44 -7.31
C35 9XL N . -11.93 -26.72 -11.17
C37 9XL N . -12.28 -27.40 -12.24
N03 9XL N . -11.51 -26.62 -18.59
N05 9XL N . -11.61 -25.81 -16.42
N10 9XL N . -11.47 -27.51 -14.67
N15 9XL N . -9.48 -25.48 -9.39
N25 9XL N . -2.39 -28.30 -9.26
N31 9XL N . -9.51 -20.75 -9.39
O26 9XL N . -1.71 -29.28 -7.31
O33 9XL N . -8.79 -21.95 -6.18
O34 9XL N . -7.68 -20.65 -7.52
O36 9XL N . -12.93 -25.77 -10.76
O38 9XL N . -13.69 -27.38 -12.42
CL1 9XL N . -11.24 -29.22 -19.36
C1 PEG O . -27.82 -7.54 -3.94
O1 PEG O . -26.73 -8.40 -3.79
C2 PEG O . -27.81 -6.95 -5.35
O2 PEG O . -28.17 -5.60 -5.29
C3 PEG O . -27.07 -4.73 -5.37
C4 PEG O . -27.29 -3.55 -4.43
O4 PEG O . -26.06 -3.19 -3.85
C13 9XL P . -12.99 -2.64 28.17
C17 9XL P . -11.39 -0.22 24.51
C20 9XL P . -9.30 2.36 23.02
C21 9XL P . -8.70 3.59 22.79
C22 9XL P . -9.01 4.67 23.59
C24 9XL P . -10.25 5.72 25.51
C28 9XL P . -10.76 -3.11 26.39
C02 9XL P . -16.86 -2.47 34.00
C04 9XL P . -15.05 -3.90 33.99
C06 9XL P . -15.62 -2.85 31.98
C07 9XL P . -16.68 -2.21 32.62
C08 9XL P . -17.30 -1.40 31.63
C09 9XL P . -16.59 -1.62 30.44
C11 9XL P . -14.58 -3.00 29.75
C12 9XL P . -13.65 -2.07 29.46
C14 9XL P . -12.60 -1.55 27.34
C16 9XL P . -12.06 -1.58 24.88
C18 9XL P . -10.88 0.82 24.31
C19 9XL P . -10.20 2.22 24.04
C23 9XL P . -9.91 4.52 24.61
C27 9XL P . -10.51 3.29 24.85
C29 9XL P . -9.37 -2.62 26.72
C30 9XL P . -8.23 -3.64 26.50
C32 9XL P . -7.09 -2.95 25.76
C35 9XL P . -14.15 -3.51 27.48
C37 9XL P . -15.20 -3.44 28.28
N03 9XL P . -16.04 -3.32 34.64
N05 9XL P . -14.83 -3.68 32.68
N10 9XL P . -15.60 -2.48 30.69
N15 9XL P . -11.58 -1.88 26.25
N25 9XL P . -10.78 5.51 26.86
N31 9XL P . -7.76 -4.09 27.76
O26 9XL P . -10.10 6.82 25.09
O33 9XL P . -6.03 -2.62 26.40
O34 9XL P . -7.20 -2.67 24.53
O36 9XL P . -13.70 -4.89 27.37
O38 9XL P . -15.80 -4.73 28.39
CL1 9XL P . -18.21 -1.67 34.92
#